data_5CN0
# 
_entry.id   5CN0 
# 
_audit_conform.dict_name       mmcif_pdbx.dic 
_audit_conform.dict_version    5.387 
_audit_conform.dict_location   http://mmcif.pdb.org/dictionaries/ascii/mmcif_pdbx.dic 
# 
loop_
_database_2.database_id 
_database_2.database_code 
_database_2.pdbx_database_accession 
_database_2.pdbx_DOI 
PDB   5CN0         pdb_00005cn0 10.2210/pdb5cn0/pdb 
WWPDB D_1000211899 ?            ?                   
# 
loop_
_pdbx_audit_revision_history.ordinal 
_pdbx_audit_revision_history.data_content_type 
_pdbx_audit_revision_history.major_revision 
_pdbx_audit_revision_history.minor_revision 
_pdbx_audit_revision_history.revision_date 
1 'Structure model' 1 0 2015-09-16 
2 'Structure model' 1 1 2024-03-20 
# 
_pdbx_audit_revision_details.ordinal             1 
_pdbx_audit_revision_details.revision_ordinal    1 
_pdbx_audit_revision_details.data_content_type   'Structure model' 
_pdbx_audit_revision_details.provider            repository 
_pdbx_audit_revision_details.type                'Initial release' 
_pdbx_audit_revision_details.description         ? 
_pdbx_audit_revision_details.details             ? 
# 
loop_
_pdbx_audit_revision_group.ordinal 
_pdbx_audit_revision_group.revision_ordinal 
_pdbx_audit_revision_group.data_content_type 
_pdbx_audit_revision_group.group 
1 2 'Structure model' 'Data collection'      
2 2 'Structure model' 'Database references'  
3 2 'Structure model' 'Derived calculations' 
# 
loop_
_pdbx_audit_revision_category.ordinal 
_pdbx_audit_revision_category.revision_ordinal 
_pdbx_audit_revision_category.data_content_type 
_pdbx_audit_revision_category.category 
1 2 'Structure model' chem_comp_atom        
2 2 'Structure model' chem_comp_bond        
3 2 'Structure model' database_2            
4 2 'Structure model' pdbx_struct_oper_list 
# 
loop_
_pdbx_audit_revision_item.ordinal 
_pdbx_audit_revision_item.revision_ordinal 
_pdbx_audit_revision_item.data_content_type 
_pdbx_audit_revision_item.item 
1 2 'Structure model' '_database_2.pdbx_DOI'                      
2 2 'Structure model' '_database_2.pdbx_database_accession'       
3 2 'Structure model' '_pdbx_struct_oper_list.symmetry_operation' 
# 
_pdbx_database_status.status_code                     REL 
_pdbx_database_status.status_code_sf                  REL 
_pdbx_database_status.status_code_mr                  ? 
_pdbx_database_status.entry_id                        5CN0 
_pdbx_database_status.recvd_initial_deposition_date   2015-07-17 
_pdbx_database_status.SG_entry                        N 
_pdbx_database_status.deposit_site                    RCSB 
_pdbx_database_status.process_site                    PDBJ 
_pdbx_database_status.status_code_cs                  ? 
_pdbx_database_status.methods_development_category    ? 
_pdbx_database_status.pdb_format_compatible           Y 
_pdbx_database_status.status_code_nmr_data            ? 
# 
loop_
_pdbx_database_related.db_name 
_pdbx_database_related.details 
_pdbx_database_related.db_id 
_pdbx_database_related.content_type 
PDB . 5CMU unspecified 
PDB . 5CMZ unspecified 
# 
loop_
_audit_author.name 
_audit_author.pdbx_ordinal 
'Zhu, Y.'   1 
'Ye, S.'    2 
'Zhang, R.' 3 
# 
_citation.abstract                  ? 
_citation.abstract_id_CAS           ? 
_citation.book_id_ISBN              ? 
_citation.book_publisher            ? 
_citation.book_publisher_city       ? 
_citation.book_title                ? 
_citation.coordinate_linkage        ? 
_citation.country                   UK 
_citation.database_id_Medline       ? 
_citation.details                   ? 
_citation.id                        primary 
_citation.journal_abbrev            'Sci Rep' 
_citation.journal_id_ASTM           ? 
_citation.journal_id_CSD            ? 
_citation.journal_id_ISSN           2045-2322 
_citation.journal_full              ? 
_citation.journal_issue             ? 
_citation.journal_volume            5 
_citation.language                  ? 
_citation.page_first                13028 
_citation.page_last                 13028 
_citation.title                     
;Improved Pharmacological and Structural Properties of HIV Fusion Inhibitor AP3 over Enfuvirtide: Highlighting Advantages of Artificial Peptide Strategy.
;
_citation.year                      2015 
_citation.database_id_CSD           ? 
_citation.pdbx_database_id_DOI      10.1038/srep13028 
_citation.pdbx_database_id_PubMed   26286358 
_citation.unpublished_flag          ? 
# 
loop_
_citation_author.citation_id 
_citation_author.name 
_citation_author.ordinal 
_citation_author.identifier_ORCID 
primary 'Zhu, X.'   1  ? 
primary 'Zhu, Y.'   2  ? 
primary 'Ye, S.'    3  ? 
primary 'Wang, Q.'  4  ? 
primary 'Xu, W.'    5  ? 
primary 'Su, S.'    6  ? 
primary 'Sun, Z.'   7  ? 
primary 'Yu, F.'    8  ? 
primary 'Liu, Q.'   9  ? 
primary 'Wang, C.'  10 ? 
primary 'Zhang, T.' 11 ? 
primary 'Zhang, Z.' 12 ? 
primary 'Zhang, X.' 13 ? 
primary 'Xu, J.'    14 ? 
primary 'Du, L.'    15 ? 
primary 'Liu, K.'   16 ? 
primary 'Lu, L.'    17 ? 
primary 'Zhang, R.' 18 ? 
primary 'Jiang, S.' 19 ? 
# 
loop_
_entity.id 
_entity.type 
_entity.src_method 
_entity.pdbx_description 
_entity.formula_weight 
_entity.pdbx_number_of_molecules 
_entity.pdbx_ec 
_entity.pdbx_mutation 
_entity.pdbx_fragment 
_entity.details 
1 polymer     man 'Envelope glycoprotein,AP2' 8504.769 1  ? ? 'C-terminus (UNP RESIDUES 35-70)' 
'The fusion protein of expression tag,  C-terminus residues 35-70 from gp4 and Artificial inhibitor AP1' 
2 non-polymer syn 'MAGNESIUM ION'             24.305   1  ? ? ?                                 ? 
3 non-polymer syn 'DI(HYDROXYETHYL)ETHER'     106.120  2  ? ? ?                                 ? 
4 water       nat water                       18.015   57 ? ? ?                                 ? 
# 
_entity_name_com.entity_id   1 
_entity_name_com.name        gp41 
# 
_entity_poly.entity_id                      1 
_entity_poly.type                           'polypeptide(L)' 
_entity_poly.nstd_linkage                   no 
_entity_poly.nstd_monomer                   no 
_entity_poly.pdbx_seq_one_letter_code       SSGIVQQQNNLLRAIEAQQHLLQLTVWGIKQLQARILSGGRGGWEEWDKKIEELIKKSEELIKKIEEQIKKQE 
_entity_poly.pdbx_seq_one_letter_code_can   SSGIVQQQNNLLRAIEAQQHLLQLTVWGIKQLQARILSGGRGGWEEWDKKIEELIKKSEELIKKIEEQIKKQE 
_entity_poly.pdbx_strand_id                 A 
_entity_poly.pdbx_target_identifier         ? 
# 
loop_
_pdbx_entity_nonpoly.entity_id 
_pdbx_entity_nonpoly.name 
_pdbx_entity_nonpoly.comp_id 
2 'MAGNESIUM ION'         MG  
3 'DI(HYDROXYETHYL)ETHER' PEG 
4 water                   HOH 
# 
loop_
_entity_poly_seq.entity_id 
_entity_poly_seq.num 
_entity_poly_seq.mon_id 
_entity_poly_seq.hetero 
1 1  SER n 
1 2  SER n 
1 3  GLY n 
1 4  ILE n 
1 5  VAL n 
1 6  GLN n 
1 7  GLN n 
1 8  GLN n 
1 9  ASN n 
1 10 ASN n 
1 11 LEU n 
1 12 LEU n 
1 13 ARG n 
1 14 ALA n 
1 15 ILE n 
1 16 GLU n 
1 17 ALA n 
1 18 GLN n 
1 19 GLN n 
1 20 HIS n 
1 21 LEU n 
1 22 LEU n 
1 23 GLN n 
1 24 LEU n 
1 25 THR n 
1 26 VAL n 
1 27 TRP n 
1 28 GLY n 
1 29 ILE n 
1 30 LYS n 
1 31 GLN n 
1 32 LEU n 
1 33 GLN n 
1 34 ALA n 
1 35 ARG n 
1 36 ILE n 
1 37 LEU n 
1 38 SER n 
1 39 GLY n 
1 40 GLY n 
1 41 ARG n 
1 42 GLY n 
1 43 GLY n 
1 44 TRP n 
1 45 GLU n 
1 46 GLU n 
1 47 TRP n 
1 48 ASP n 
1 49 LYS n 
1 50 LYS n 
1 51 ILE n 
1 52 GLU n 
1 53 GLU n 
1 54 LEU n 
1 55 ILE n 
1 56 LYS n 
1 57 LYS n 
1 58 SER n 
1 59 GLU n 
1 60 GLU n 
1 61 LEU n 
1 62 ILE n 
1 63 LYS n 
1 64 LYS n 
1 65 ILE n 
1 66 GLU n 
1 67 GLU n 
1 68 GLN n 
1 69 ILE n 
1 70 LYS n 
1 71 LYS n 
1 72 GLN n 
1 73 GLU n 
# 
loop_
_entity_src_gen.entity_id 
_entity_src_gen.pdbx_src_id 
_entity_src_gen.pdbx_alt_source_flag 
_entity_src_gen.pdbx_seq_type 
_entity_src_gen.pdbx_beg_seq_num 
_entity_src_gen.pdbx_end_seq_num 
_entity_src_gen.gene_src_common_name 
_entity_src_gen.gene_src_genus 
_entity_src_gen.pdbx_gene_src_gene 
_entity_src_gen.gene_src_species 
_entity_src_gen.gene_src_strain 
_entity_src_gen.gene_src_tissue 
_entity_src_gen.gene_src_tissue_fraction 
_entity_src_gen.gene_src_details 
_entity_src_gen.pdbx_gene_src_fragment 
_entity_src_gen.pdbx_gene_src_scientific_name 
_entity_src_gen.pdbx_gene_src_ncbi_taxonomy_id 
_entity_src_gen.pdbx_gene_src_variant 
_entity_src_gen.pdbx_gene_src_cell_line 
_entity_src_gen.pdbx_gene_src_atcc 
_entity_src_gen.pdbx_gene_src_organ 
_entity_src_gen.pdbx_gene_src_organelle 
_entity_src_gen.pdbx_gene_src_cell 
_entity_src_gen.pdbx_gene_src_cellular_location 
_entity_src_gen.host_org_common_name 
_entity_src_gen.pdbx_host_org_scientific_name 
_entity_src_gen.pdbx_host_org_ncbi_taxonomy_id 
_entity_src_gen.host_org_genus 
_entity_src_gen.pdbx_host_org_gene 
_entity_src_gen.pdbx_host_org_organ 
_entity_src_gen.host_org_species 
_entity_src_gen.pdbx_host_org_tissue 
_entity_src_gen.pdbx_host_org_tissue_fraction 
_entity_src_gen.pdbx_host_org_strain 
_entity_src_gen.pdbx_host_org_variant 
_entity_src_gen.pdbx_host_org_cell_line 
_entity_src_gen.pdbx_host_org_atcc 
_entity_src_gen.pdbx_host_org_culture_collection 
_entity_src_gen.pdbx_host_org_cell 
_entity_src_gen.pdbx_host_org_organelle 
_entity_src_gen.pdbx_host_org_cellular_location 
_entity_src_gen.pdbx_host_org_vector_type 
_entity_src_gen.pdbx_host_org_vector 
_entity_src_gen.host_org_details 
_entity_src_gen.expression_system_id 
_entity_src_gen.plasmid_name 
_entity_src_gen.plasmid_details 
_entity_src_gen.pdbx_description 
1 1 sample 'Biological sequence' 1  37 HIV1 ? env ? ? ? ? ? ? 'Human immunodeficiency virus 1' 11676 ? ? ? ? ? ? ? ? 
'Escherichia coli' 562 ? ? ? ? ? ? ? ? ? ? ? ? ? ? ? ? ? ? ? ? ? 
1 2 sample 'Biological sequence' 38 73 ?    ? ?   ? ? ? ? ? ? 'synthetic construct'            32630 ? ? ? ? ? ? ? ? 
'Escherichia coli' 562 ? ? ? ? ? ? ? ? ? ? ? ? ? ? ? ? ? ? ? ? ? 
# 
loop_
_chem_comp.id 
_chem_comp.type 
_chem_comp.mon_nstd_flag 
_chem_comp.name 
_chem_comp.pdbx_synonyms 
_chem_comp.formula 
_chem_comp.formula_weight 
ALA 'L-peptide linking' y ALANINE                 ? 'C3 H7 N O2'     89.093  
ARG 'L-peptide linking' y ARGININE                ? 'C6 H15 N4 O2 1' 175.209 
ASN 'L-peptide linking' y ASPARAGINE              ? 'C4 H8 N2 O3'    132.118 
ASP 'L-peptide linking' y 'ASPARTIC ACID'         ? 'C4 H7 N O4'     133.103 
GLN 'L-peptide linking' y GLUTAMINE               ? 'C5 H10 N2 O3'   146.144 
GLU 'L-peptide linking' y 'GLUTAMIC ACID'         ? 'C5 H9 N O4'     147.129 
GLY 'peptide linking'   y GLYCINE                 ? 'C2 H5 N O2'     75.067  
HIS 'L-peptide linking' y HISTIDINE               ? 'C6 H10 N3 O2 1' 156.162 
HOH non-polymer         . WATER                   ? 'H2 O'           18.015  
ILE 'L-peptide linking' y ISOLEUCINE              ? 'C6 H13 N O2'    131.173 
LEU 'L-peptide linking' y LEUCINE                 ? 'C6 H13 N O2'    131.173 
LYS 'L-peptide linking' y LYSINE                  ? 'C6 H15 N2 O2 1' 147.195 
MG  non-polymer         . 'MAGNESIUM ION'         ? 'Mg 2'           24.305  
PEG non-polymer         . 'DI(HYDROXYETHYL)ETHER' ? 'C4 H10 O3'      106.120 
SER 'L-peptide linking' y SERINE                  ? 'C3 H7 N O3'     105.093 
THR 'L-peptide linking' y THREONINE               ? 'C4 H9 N O3'     119.119 
TRP 'L-peptide linking' y TRYPTOPHAN              ? 'C11 H12 N2 O2'  204.225 
VAL 'L-peptide linking' y VALINE                  ? 'C5 H11 N O2'    117.146 
# 
loop_
_pdbx_poly_seq_scheme.asym_id 
_pdbx_poly_seq_scheme.entity_id 
_pdbx_poly_seq_scheme.seq_id 
_pdbx_poly_seq_scheme.mon_id 
_pdbx_poly_seq_scheme.ndb_seq_num 
_pdbx_poly_seq_scheme.pdb_seq_num 
_pdbx_poly_seq_scheme.auth_seq_num 
_pdbx_poly_seq_scheme.pdb_mon_id 
_pdbx_poly_seq_scheme.auth_mon_id 
_pdbx_poly_seq_scheme.pdb_strand_id 
_pdbx_poly_seq_scheme.pdb_ins_code 
_pdbx_poly_seq_scheme.hetero 
A 1 1  SER 1  0  ?  ?   ?   A . n 
A 1 2  SER 2  1  ?  ?   ?   A . n 
A 1 3  GLY 3  2  ?  ?   ?   A . n 
A 1 4  ILE 4  3  3  ILE ILE A . n 
A 1 5  VAL 5  4  4  VAL VAL A . n 
A 1 6  GLN 6  5  5  GLN GLN A . n 
A 1 7  GLN 7  6  6  GLN GLN A . n 
A 1 8  GLN 8  7  7  GLN GLN A . n 
A 1 9  ASN 9  8  8  ASN ASN A . n 
A 1 10 ASN 10 9  9  ASN ASN A . n 
A 1 11 LEU 11 10 10 LEU LEU A . n 
A 1 12 LEU 12 11 11 LEU LEU A . n 
A 1 13 ARG 13 12 12 ARG ARG A . n 
A 1 14 ALA 14 13 13 ALA ALA A . n 
A 1 15 ILE 15 14 14 ILE ILE A . n 
A 1 16 GLU 16 15 15 GLU GLU A . n 
A 1 17 ALA 17 16 16 ALA ALA A . n 
A 1 18 GLN 18 17 17 GLN GLN A . n 
A 1 19 GLN 19 18 18 GLN GLN A . n 
A 1 20 HIS 20 19 19 HIS HIS A . n 
A 1 21 LEU 21 20 20 LEU LEU A . n 
A 1 22 LEU 22 21 21 LEU LEU A . n 
A 1 23 GLN 23 22 22 GLN GLN A . n 
A 1 24 LEU 24 23 23 LEU LEU A . n 
A 1 25 THR 25 24 24 THR THR A . n 
A 1 26 VAL 26 25 25 VAL VAL A . n 
A 1 27 TRP 27 26 26 TRP TRP A . n 
A 1 28 GLY 28 27 27 GLY GLY A . n 
A 1 29 ILE 29 28 28 ILE ILE A . n 
A 1 30 LYS 30 29 29 LYS LYS A . n 
A 1 31 GLN 31 30 30 GLN GLN A . n 
A 1 32 LEU 32 31 31 LEU LEU A . n 
A 1 33 GLN 33 32 32 GLN GLN A . n 
A 1 34 ALA 34 33 33 ALA ALA A . n 
A 1 35 ARG 35 34 34 ARG ARG A . n 
A 1 36 ILE 36 35 35 ILE ILE A . n 
A 1 37 LEU 37 36 36 LEU LEU A . n 
A 1 38 SER 38 37 37 SER SER A . n 
A 1 39 GLY 39 38 38 GLY GLY A . n 
A 1 40 GLY 40 39 39 GLY GLY A . n 
A 1 41 ARG 41 40 40 ARG ARG A . n 
A 1 42 GLY 42 41 41 GLY GLY A . n 
A 1 43 GLY 43 42 42 GLY GLY A . n 
A 1 44 TRP 44 43 43 TRP TRP A . n 
A 1 45 GLU 45 44 44 GLU GLU A . n 
A 1 46 GLU 46 45 45 GLU GLU A . n 
A 1 47 TRP 47 46 46 TRP TRP A . n 
A 1 48 ASP 48 47 47 ASP ASP A . n 
A 1 49 LYS 49 48 48 LYS LYS A . n 
A 1 50 LYS 50 49 49 LYS LYS A . n 
A 1 51 ILE 51 50 50 ILE ILE A . n 
A 1 52 GLU 52 51 51 GLU GLU A . n 
A 1 53 GLU 53 52 52 GLU GLU A . n 
A 1 54 LEU 54 53 53 LEU LEU A . n 
A 1 55 ILE 55 54 54 ILE ILE A . n 
A 1 56 LYS 56 55 55 LYS LYS A . n 
A 1 57 LYS 57 56 56 LYS LYS A . n 
A 1 58 SER 58 57 57 SER SER A . n 
A 1 59 GLU 59 58 58 GLU GLU A . n 
A 1 60 GLU 60 59 59 GLU GLU A . n 
A 1 61 LEU 61 60 60 LEU LEU A . n 
A 1 62 ILE 62 61 61 ILE ILE A . n 
A 1 63 LYS 63 62 62 LYS LYS A . n 
A 1 64 LYS 64 63 63 LYS LYS A . n 
A 1 65 ILE 65 64 64 ILE ILE A . n 
A 1 66 GLU 66 65 65 GLU GLU A . n 
A 1 67 GLU 67 66 66 GLU GLU A . n 
A 1 68 GLN 68 67 67 GLN GLN A . n 
A 1 69 ILE 69 68 68 ILE ILE A . n 
A 1 70 LYS 70 69 69 LYS LYS A . n 
A 1 71 LYS 71 70 70 LYS LYS A . n 
A 1 72 GLN 72 71 71 GLN GLN A . n 
A 1 73 GLU 73 72 72 GLU GLU A . n 
# 
loop_
_pdbx_nonpoly_scheme.asym_id 
_pdbx_nonpoly_scheme.entity_id 
_pdbx_nonpoly_scheme.mon_id 
_pdbx_nonpoly_scheme.ndb_seq_num 
_pdbx_nonpoly_scheme.pdb_seq_num 
_pdbx_nonpoly_scheme.auth_seq_num 
_pdbx_nonpoly_scheme.pdb_mon_id 
_pdbx_nonpoly_scheme.auth_mon_id 
_pdbx_nonpoly_scheme.pdb_strand_id 
_pdbx_nonpoly_scheme.pdb_ins_code 
B 2 MG  1  101 81 MG  MG  A . 
C 3 PEG 1  102 91 PEG PEG A . 
D 3 PEG 1  103 92 PEG PEG A . 
E 4 HOH 1  201 52 HOH HOH A . 
E 4 HOH 2  202 44 HOH HOH A . 
E 4 HOH 3  203 64 HOH HOH A . 
E 4 HOH 4  204 15 HOH HOH A . 
E 4 HOH 5  205 38 HOH HOH A . 
E 4 HOH 6  206 26 HOH HOH A . 
E 4 HOH 7  207 3  HOH HOH A . 
E 4 HOH 8  208 36 HOH HOH A . 
E 4 HOH 9  209 11 HOH HOH A . 
E 4 HOH 10 210 4  HOH HOH A . 
E 4 HOH 11 211 67 HOH HOH A . 
E 4 HOH 12 212 25 HOH HOH A . 
E 4 HOH 13 213 27 HOH HOH A . 
E 4 HOH 14 214 17 HOH HOH A . 
E 4 HOH 15 215 5  HOH HOH A . 
E 4 HOH 16 216 2  HOH HOH A . 
E 4 HOH 17 217 20 HOH HOH A . 
E 4 HOH 18 218 31 HOH HOH A . 
E 4 HOH 19 219 6  HOH HOH A . 
E 4 HOH 20 220 29 HOH HOH A . 
E 4 HOH 21 221 32 HOH HOH A . 
E 4 HOH 22 222 14 HOH HOH A . 
E 4 HOH 23 223 28 HOH HOH A . 
E 4 HOH 24 224 33 HOH HOH A . 
E 4 HOH 25 225 12 HOH HOH A . 
E 4 HOH 26 226 18 HOH HOH A . 
E 4 HOH 27 227 68 HOH HOH A . 
E 4 HOH 28 228 41 HOH HOH A . 
E 4 HOH 29 229 7  HOH HOH A . 
E 4 HOH 30 230 35 HOH HOH A . 
E 4 HOH 31 231 23 HOH HOH A . 
E 4 HOH 32 232 19 HOH HOH A . 
E 4 HOH 33 233 10 HOH HOH A . 
E 4 HOH 34 234 65 HOH HOH A . 
E 4 HOH 35 235 8  HOH HOH A . 
E 4 HOH 36 236 45 HOH HOH A . 
E 4 HOH 37 237 16 HOH HOH A . 
E 4 HOH 38 238 34 HOH HOH A . 
E 4 HOH 39 239 30 HOH HOH A . 
E 4 HOH 40 240 63 HOH HOH A . 
E 4 HOH 41 241 57 HOH HOH A . 
E 4 HOH 42 242 22 HOH HOH A . 
E 4 HOH 43 243 62 HOH HOH A . 
E 4 HOH 44 244 24 HOH HOH A . 
E 4 HOH 45 245 39 HOH HOH A . 
E 4 HOH 46 246 21 HOH HOH A . 
E 4 HOH 47 247 37 HOH HOH A . 
E 4 HOH 48 248 43 HOH HOH A . 
E 4 HOH 49 249 13 HOH HOH A . 
E 4 HOH 50 250 42 HOH HOH A . 
E 4 HOH 51 251 61 HOH HOH A . 
E 4 HOH 52 252 46 HOH HOH A . 
E 4 HOH 53 253 54 HOH HOH A . 
E 4 HOH 54 254 55 HOH HOH A . 
E 4 HOH 55 255 9  HOH HOH A . 
E 4 HOH 56 256 66 HOH HOH A . 
E 4 HOH 57 257 47 HOH HOH A . 
# 
loop_
_software.citation_id 
_software.classification 
_software.compiler_name 
_software.compiler_version 
_software.contact_author 
_software.contact_author_email 
_software.date 
_software.description 
_software.dependencies 
_software.hardware 
_software.language 
_software.location 
_software.mods 
_software.name 
_software.os 
_software.os_version 
_software.type 
_software.version 
_software.pdbx_ordinal 
? refinement       ? ? ? ? ? ? ? ? ? ? ? PHENIX   ? ? ? 1.8.2_1309 1 
? 'data reduction' ? ? ? ? ? ? ? ? ? ? ? HKL-2000 ? ? ? .          2 
? 'data scaling'   ? ? ? ? ? ? ? ? ? ? ? HKL-2000 ? ? ? .          3 
? phasing          ? ? ? ? ? ? ? ? ? ? ? PHASER   ? ? ? .          4 
# 
_cell.angle_alpha                  90.00 
_cell.angle_alpha_esd              ? 
_cell.angle_beta                   90.00 
_cell.angle_beta_esd               ? 
_cell.angle_gamma                  120.00 
_cell.angle_gamma_esd              ? 
_cell.entry_id                     5CN0 
_cell.details                      ? 
_cell.formula_units_Z              ? 
_cell.length_a                     36.187 
_cell.length_a_esd                 ? 
_cell.length_b                     36.187 
_cell.length_b_esd                 ? 
_cell.length_c                     286.003 
_cell.length_c_esd                 ? 
_cell.volume                       ? 
_cell.volume_esd                   ? 
_cell.Z_PDB                        18 
_cell.reciprocal_angle_alpha       ? 
_cell.reciprocal_angle_beta        ? 
_cell.reciprocal_angle_gamma       ? 
_cell.reciprocal_angle_alpha_esd   ? 
_cell.reciprocal_angle_beta_esd    ? 
_cell.reciprocal_angle_gamma_esd   ? 
_cell.reciprocal_length_a          ? 
_cell.reciprocal_length_b          ? 
_cell.reciprocal_length_c          ? 
_cell.reciprocal_length_a_esd      ? 
_cell.reciprocal_length_b_esd      ? 
_cell.reciprocal_length_c_esd      ? 
_cell.pdbx_unique_axis             ? 
# 
_symmetry.entry_id                         5CN0 
_symmetry.cell_setting                     ? 
_symmetry.Int_Tables_number                155 
_symmetry.space_group_name_Hall            ? 
_symmetry.space_group_name_H-M             'H 3 2' 
_symmetry.pdbx_full_space_group_name_H-M   ? 
# 
_exptl.absorpt_coefficient_mu     ? 
_exptl.absorpt_correction_T_max   ? 
_exptl.absorpt_correction_T_min   ? 
_exptl.absorpt_correction_type    ? 
_exptl.absorpt_process_details    ? 
_exptl.entry_id                   5CN0 
_exptl.crystals_number            ? 
_exptl.details                    ? 
_exptl.method                     'X-RAY DIFFRACTION' 
_exptl.method_details             ? 
# 
_exptl_crystal.colour                      ? 
_exptl_crystal.density_diffrn              ? 
_exptl_crystal.density_Matthews            2.12 
_exptl_crystal.density_method              ? 
_exptl_crystal.density_percent_sol         41.95 
_exptl_crystal.description                 ? 
_exptl_crystal.F_000                       ? 
_exptl_crystal.id                          1 
_exptl_crystal.preparation                 ? 
_exptl_crystal.size_max                    ? 
_exptl_crystal.size_mid                    ? 
_exptl_crystal.size_min                    ? 
_exptl_crystal.size_rad                    ? 
_exptl_crystal.colour_lustre               ? 
_exptl_crystal.colour_modifier             ? 
_exptl_crystal.colour_primary              ? 
_exptl_crystal.density_meas                ? 
_exptl_crystal.density_meas_esd            ? 
_exptl_crystal.density_meas_gt             ? 
_exptl_crystal.density_meas_lt             ? 
_exptl_crystal.density_meas_temp           ? 
_exptl_crystal.density_meas_temp_esd       ? 
_exptl_crystal.density_meas_temp_gt        ? 
_exptl_crystal.density_meas_temp_lt        ? 
_exptl_crystal.pdbx_crystal_image_url      ? 
_exptl_crystal.pdbx_crystal_image_format   ? 
_exptl_crystal.pdbx_mosaicity              ? 
_exptl_crystal.pdbx_mosaicity_esd          ? 
# 
_exptl_crystal_grow.apparatus       ? 
_exptl_crystal_grow.atmosphere      ? 
_exptl_crystal_grow.crystal_id      1 
_exptl_crystal_grow.details         ? 
_exptl_crystal_grow.method          'VAPOR DIFFUSION, HANGING DROP' 
_exptl_crystal_grow.method_ref      ? 
_exptl_crystal_grow.pH              8.0 
_exptl_crystal_grow.pressure        ? 
_exptl_crystal_grow.pressure_esd    ? 
_exptl_crystal_grow.seeding         ? 
_exptl_crystal_grow.seeding_ref     ? 
_exptl_crystal_grow.temp            289 
_exptl_crystal_grow.temp_details    ? 
_exptl_crystal_grow.temp_esd        ? 
_exptl_crystal_grow.time            ? 
_exptl_crystal_grow.pdbx_details    '0.1M Tris-HCl pH 8.0, 34% (w/v) PEG 3350, 0.2M MgCl2' 
_exptl_crystal_grow.pdbx_pH_range   ? 
# 
_diffrn.ambient_environment    ? 
_diffrn.ambient_temp           100 
_diffrn.ambient_temp_details   ? 
_diffrn.ambient_temp_esd       ? 
_diffrn.crystal_id             1 
_diffrn.crystal_support        ? 
_diffrn.crystal_treatment      ? 
_diffrn.details                ? 
_diffrn.id                     1 
_diffrn.ambient_pressure       ? 
_diffrn.ambient_pressure_esd   ? 
_diffrn.ambient_pressure_gt    ? 
_diffrn.ambient_pressure_lt    ? 
_diffrn.ambient_temp_gt        ? 
_diffrn.ambient_temp_lt        ? 
# 
_diffrn_detector.details                      ? 
_diffrn_detector.detector                     'IMAGE PLATE' 
_diffrn_detector.diffrn_id                    1 
_diffrn_detector.type                         'RIGAKU RAXIS IV++' 
_diffrn_detector.area_resol_mean              ? 
_diffrn_detector.dtime                        ? 
_diffrn_detector.pdbx_frames_total            ? 
_diffrn_detector.pdbx_collection_time_total   ? 
_diffrn_detector.pdbx_collection_date         2013-04-08 
# 
_diffrn_radiation.collimation                      ? 
_diffrn_radiation.diffrn_id                        1 
_diffrn_radiation.filter_edge                      ? 
_diffrn_radiation.inhomogeneity                    ? 
_diffrn_radiation.monochromator                    ? 
_diffrn_radiation.polarisn_norm                    ? 
_diffrn_radiation.polarisn_ratio                   ? 
_diffrn_radiation.probe                            ? 
_diffrn_radiation.type                             ? 
_diffrn_radiation.xray_symbol                      ? 
_diffrn_radiation.wavelength_id                    1 
_diffrn_radiation.pdbx_monochromatic_or_laue_m_l   M 
_diffrn_radiation.pdbx_wavelength_list             ? 
_diffrn_radiation.pdbx_wavelength                  ? 
_diffrn_radiation.pdbx_diffrn_protocol             'SINGLE WAVELENGTH' 
_diffrn_radiation.pdbx_analyzer                    ? 
_diffrn_radiation.pdbx_scattering_type             x-ray 
# 
_diffrn_radiation_wavelength.id           1 
_diffrn_radiation_wavelength.wavelength   1.5418 
_diffrn_radiation_wavelength.wt           1.0 
# 
_diffrn_source.current                     ? 
_diffrn_source.details                     ? 
_diffrn_source.diffrn_id                   1 
_diffrn_source.power                       ? 
_diffrn_source.size                        ? 
_diffrn_source.source                      'ROTATING ANODE' 
_diffrn_source.target                      ? 
_diffrn_source.type                        'RIGAKU MICROMAX-007' 
_diffrn_source.voltage                     ? 
_diffrn_source.take-off_angle              ? 
_diffrn_source.pdbx_wavelength_list        1.5418 
_diffrn_source.pdbx_wavelength             ? 
_diffrn_source.pdbx_synchrotron_beamline   ? 
_diffrn_source.pdbx_synchrotron_site       ? 
# 
_reflns.B_iso_Wilson_estimate            ? 
_reflns.entry_id                         5CN0 
_reflns.data_reduction_details           ? 
_reflns.data_reduction_method            ? 
_reflns.d_resolution_high                1.90 
_reflns.d_resolution_low                 31.78 
_reflns.details                          ? 
_reflns.limit_h_max                      ? 
_reflns.limit_h_min                      ? 
_reflns.limit_k_max                      ? 
_reflns.limit_k_min                      ? 
_reflns.limit_l_max                      ? 
_reflns.limit_l_min                      ? 
_reflns.number_all                       ? 
_reflns.number_obs                       64372 
_reflns.observed_criterion               ? 
_reflns.observed_criterion_F_max         ? 
_reflns.observed_criterion_F_min         ? 
_reflns.observed_criterion_I_max         ? 
_reflns.observed_criterion_I_min         ? 
_reflns.observed_criterion_sigma_F       ? 
_reflns.observed_criterion_sigma_I       ? 
_reflns.percent_possible_obs             100 
_reflns.R_free_details                   ? 
_reflns.Rmerge_F_all                     ? 
_reflns.Rmerge_F_obs                     ? 
_reflns.Friedel_coverage                 ? 
_reflns.number_gt                        ? 
_reflns.threshold_expression             ? 
_reflns.pdbx_redundancy                  10.5 
_reflns.pdbx_Rmerge_I_obs                ? 
_reflns.pdbx_Rmerge_I_all                ? 
_reflns.pdbx_Rsym_value                  ? 
_reflns.pdbx_netI_over_av_sigmaI         ? 
_reflns.pdbx_netI_over_sigmaI            28.9 
_reflns.pdbx_res_netI_over_av_sigmaI_2   ? 
_reflns.pdbx_res_netI_over_sigmaI_2      ? 
_reflns.pdbx_chi_squared                 ? 
_reflns.pdbx_scaling_rejects             ? 
_reflns.pdbx_d_res_high_opt              ? 
_reflns.pdbx_d_res_low_opt               ? 
_reflns.pdbx_d_res_opt_method            ? 
_reflns.phase_calculation_details        ? 
_reflns.pdbx_Rrim_I_all                  ? 
_reflns.pdbx_Rpim_I_all                  ? 
_reflns.pdbx_d_opt                       ? 
_reflns.pdbx_number_measured_all         ? 
_reflns.pdbx_diffrn_id                   1 
_reflns.pdbx_ordinal                     1 
_reflns.pdbx_CC_half                     ? 
_reflns.pdbx_R_split                     ? 
# 
_refine.aniso_B[1][1]                            ? 
_refine.aniso_B[1][2]                            ? 
_refine.aniso_B[1][3]                            ? 
_refine.aniso_B[2][2]                            ? 
_refine.aniso_B[2][3]                            ? 
_refine.aniso_B[3][3]                            ? 
_refine.B_iso_max                                ? 
_refine.B_iso_mean                               ? 
_refine.B_iso_min                                ? 
_refine.correlation_coeff_Fo_to_Fc               ? 
_refine.correlation_coeff_Fo_to_Fc_free          ? 
_refine.details                                  ? 
_refine.diff_density_max                         ? 
_refine.diff_density_max_esd                     ? 
_refine.diff_density_min                         ? 
_refine.diff_density_min_esd                     ? 
_refine.diff_density_rms                         ? 
_refine.diff_density_rms_esd                     ? 
_refine.entry_id                                 5CN0 
_refine.pdbx_refine_id                           'X-RAY DIFFRACTION' 
_refine.ls_abs_structure_details                 ? 
_refine.ls_abs_structure_Flack                   ? 
_refine.ls_abs_structure_Flack_esd               ? 
_refine.ls_abs_structure_Rogers                  ? 
_refine.ls_abs_structure_Rogers_esd              ? 
_refine.ls_d_res_high                            1.901 
_refine.ls_d_res_low                             31.778 
_refine.ls_extinction_coef                       ? 
_refine.ls_extinction_coef_esd                   ? 
_refine.ls_extinction_expression                 ? 
_refine.ls_extinction_method                     ? 
_refine.ls_goodness_of_fit_all                   ? 
_refine.ls_goodness_of_fit_all_esd               ? 
_refine.ls_goodness_of_fit_obs                   ? 
_refine.ls_goodness_of_fit_obs_esd               ? 
_refine.ls_hydrogen_treatment                    ? 
_refine.ls_matrix_type                           ? 
_refine.ls_number_constraints                    ? 
_refine.ls_number_parameters                     ? 
_refine.ls_number_reflns_all                     ? 
_refine.ls_number_reflns_obs                     7812 
_refine.ls_number_reflns_R_free                  787 
_refine.ls_number_reflns_R_work                  ? 
_refine.ls_number_restraints                     ? 
_refine.ls_percent_reflns_obs                    70.99 
_refine.ls_percent_reflns_R_free                 10.07 
_refine.ls_R_factor_all                          ? 
_refine.ls_R_factor_obs                          0.1999 
_refine.ls_R_factor_R_free                       0.2324 
_refine.ls_R_factor_R_free_error                 ? 
_refine.ls_R_factor_R_free_error_details         ? 
_refine.ls_R_factor_R_work                       0.1961 
_refine.ls_R_Fsqd_factor_obs                     ? 
_refine.ls_R_I_factor_obs                        ? 
_refine.ls_redundancy_reflns_all                 ? 
_refine.ls_redundancy_reflns_obs                 ? 
_refine.ls_restrained_S_all                      ? 
_refine.ls_restrained_S_obs                      ? 
_refine.ls_shift_over_esd_max                    ? 
_refine.ls_shift_over_esd_mean                   ? 
_refine.ls_structure_factor_coef                 ? 
_refine.ls_weighting_details                     ? 
_refine.ls_weighting_scheme                      ? 
_refine.ls_wR_factor_all                         ? 
_refine.ls_wR_factor_obs                         ? 
_refine.ls_wR_factor_R_free                      ? 
_refine.ls_wR_factor_R_work                      ? 
_refine.occupancy_max                            ? 
_refine.occupancy_min                            ? 
_refine.solvent_model_details                    'FLAT BULK SOLVENT MODEL' 
_refine.solvent_model_param_bsol                 ? 
_refine.solvent_model_param_ksol                 ? 
_refine.ls_R_factor_gt                           ? 
_refine.ls_goodness_of_fit_gt                    ? 
_refine.ls_goodness_of_fit_ref                   ? 
_refine.ls_shift_over_su_max                     ? 
_refine.ls_shift_over_su_max_lt                  ? 
_refine.ls_shift_over_su_mean                    ? 
_refine.ls_shift_over_su_mean_lt                 ? 
_refine.pdbx_ls_sigma_I                          ? 
_refine.pdbx_ls_sigma_F                          1.34 
_refine.pdbx_ls_sigma_Fsqd                       ? 
_refine.pdbx_data_cutoff_high_absF               ? 
_refine.pdbx_data_cutoff_high_rms_absF           ? 
_refine.pdbx_data_cutoff_low_absF                ? 
_refine.pdbx_isotropic_thermal_model             ? 
_refine.pdbx_ls_cross_valid_method               'FREE R-VALUE' 
_refine.pdbx_method_to_determine_struct          ? 
_refine.pdbx_starting_model                      ? 
_refine.pdbx_stereochemistry_target_values       ML 
_refine.pdbx_R_Free_selection_details            ? 
_refine.pdbx_stereochem_target_val_spec_case     ? 
_refine.pdbx_overall_ESU_R                       ? 
_refine.pdbx_overall_ESU_R_Free                  ? 
_refine.pdbx_solvent_vdw_probe_radii             1.11 
_refine.pdbx_solvent_ion_probe_radii             ? 
_refine.pdbx_solvent_shrinkage_radii             0.90 
_refine.pdbx_real_space_R                        ? 
_refine.pdbx_density_correlation                 ? 
_refine.pdbx_pd_number_of_powder_patterns        ? 
_refine.pdbx_pd_number_of_points                 ? 
_refine.pdbx_pd_meas_number_of_points            ? 
_refine.pdbx_pd_proc_ls_prof_R_factor            ? 
_refine.pdbx_pd_proc_ls_prof_wR_factor           ? 
_refine.pdbx_pd_Marquardt_correlation_coeff      ? 
_refine.pdbx_pd_Fsqrd_R_factor                   ? 
_refine.pdbx_pd_ls_matrix_band_width             ? 
_refine.pdbx_overall_phase_error                 25.82 
_refine.pdbx_overall_SU_R_free_Cruickshank_DPI   ? 
_refine.pdbx_overall_SU_R_free_Blow_DPI          ? 
_refine.pdbx_overall_SU_R_Blow_DPI               ? 
_refine.pdbx_TLS_residual_ADP_flag               ? 
_refine.pdbx_diffrn_id                           1 
_refine.overall_SU_B                             ? 
_refine.overall_SU_ML                            0.23 
_refine.overall_SU_R_Cruickshank_DPI             ? 
_refine.overall_SU_R_free                        ? 
_refine.overall_FOM_free_R_set                   ? 
_refine.overall_FOM_work_R_set                   ? 
_refine.pdbx_average_fsc_overall                 ? 
_refine.pdbx_average_fsc_work                    ? 
_refine.pdbx_average_fsc_free                    ? 
# 
_refine_hist.pdbx_refine_id                   'X-RAY DIFFRACTION' 
_refine_hist.cycle_id                         LAST 
_refine_hist.pdbx_number_atoms_protein        582 
_refine_hist.pdbx_number_atoms_nucleic_acid   0 
_refine_hist.pdbx_number_atoms_ligand         15 
_refine_hist.number_atoms_solvent             57 
_refine_hist.number_atoms_total               654 
_refine_hist.d_res_high                       1.901 
_refine_hist.d_res_low                        31.778 
# 
loop_
_refine_ls_restr.pdbx_refine_id 
_refine_ls_restr.criterion 
_refine_ls_restr.dev_ideal 
_refine_ls_restr.dev_ideal_target 
_refine_ls_restr.number 
_refine_ls_restr.rejects 
_refine_ls_restr.type 
_refine_ls_restr.weight 
_refine_ls_restr.pdbx_restraint_function 
'X-RAY DIFFRACTION' ? 0.019  ? 612 ? f_bond_d           ? ? 
'X-RAY DIFFRACTION' ? 1.561  ? 812 ? f_angle_d          ? ? 
'X-RAY DIFFRACTION' ? 20.561 ? 250 ? f_dihedral_angle_d ? ? 
'X-RAY DIFFRACTION' ? 0.103  ? 87  ? f_chiral_restr     ? ? 
'X-RAY DIFFRACTION' ? 0.008  ? 102 ? f_plane_restr      ? ? 
# 
loop_
_refine_ls_shell.pdbx_refine_id 
_refine_ls_shell.d_res_high 
_refine_ls_shell.d_res_low 
_refine_ls_shell.number_reflns_all 
_refine_ls_shell.number_reflns_obs 
_refine_ls_shell.number_reflns_R_free 
_refine_ls_shell.number_reflns_R_work 
_refine_ls_shell.percent_reflns_obs 
_refine_ls_shell.percent_reflns_R_free 
_refine_ls_shell.R_factor_all 
_refine_ls_shell.R_factor_obs 
_refine_ls_shell.R_factor_R_free 
_refine_ls_shell.R_factor_R_free_error 
_refine_ls_shell.R_factor_R_work 
_refine_ls_shell.redundancy_reflns_all 
_refine_ls_shell.redundancy_reflns_obs 
_refine_ls_shell.wR_factor_all 
_refine_ls_shell.wR_factor_obs 
_refine_ls_shell.wR_factor_R_free 
_refine_ls_shell.wR_factor_R_work 
_refine_ls_shell.pdbx_total_number_of_bins_used 
_refine_ls_shell.pdbx_phase_error 
_refine_ls_shell.pdbx_fsc_work 
_refine_ls_shell.pdbx_fsc_free 
'X-RAY DIFFRACTION' 1.9010 2.0201  . . 92  831  51.00 . . . 0.3456 . 0.2943 . . . . . . . . . . 
'X-RAY DIFFRACTION' 2.0201 2.1760  . . 99  894  54.00 . . . 0.2939 . 0.2669 . . . . . . . . . . 
'X-RAY DIFFRACTION' 2.1760 2.3949  . . 109 914  55.00 . . . 0.2982 . 0.2664 . . . . . . . . . . 
'X-RAY DIFFRACTION' 2.3949 2.7413  . . 134 1212 74.00 . . . 0.2167 . 0.1753 . . . . . . . . . . 
'X-RAY DIFFRACTION' 2.7413 3.4531  . . 164 1525 93.00 . . . 0.1888 . 0.1643 . . . . . . . . . . 
'X-RAY DIFFRACTION' 3.4531 31.7825 . . 189 1649 99.00 . . . 0.2233 . 0.1867 . . . . . . . . . . 
# 
_struct.entry_id                     5CN0 
_struct.title                        'Artificial HIV fusion inhibitor AP2 fused to the C-terminus of gp41 NHR' 
_struct.pdbx_model_details           ? 
_struct.pdbx_formula_weight          ? 
_struct.pdbx_formula_weight_method   ? 
_struct.pdbx_model_type_details      ? 
_struct.pdbx_CASP_flag               ? 
# 
_struct_keywords.entry_id        5CN0 
_struct_keywords.text            'Enfuvirtide, HIV fusion inhibitor, AP2, gp41, 6-HB, VIRAL PROTEIN' 
_struct_keywords.pdbx_keywords   'VIRAL PROTEIN' 
# 
loop_
_struct_asym.id 
_struct_asym.pdbx_blank_PDB_chainid_flag 
_struct_asym.pdbx_modified 
_struct_asym.entity_id 
_struct_asym.details 
A N N 1 ? 
B N N 2 ? 
C N N 3 ? 
D N N 3 ? 
E N N 4 ? 
# 
loop_
_struct_ref.id 
_struct_ref.db_name 
_struct_ref.db_code 
_struct_ref.pdbx_db_accession 
_struct_ref.pdbx_db_isoform 
_struct_ref.entity_id 
_struct_ref.pdbx_seq_one_letter_code 
_struct_ref.pdbx_align_begin 
1 UNP Q1HMR5_9HIV1 Q1HMR5 ? 1 SGIVQQQNNLLRAIEAQQHLLQLTVWGIKQLQARIL 35 
2 PDB 5CN0         5CN0   ? 1 ?                                    38 
# 
loop_
_struct_ref_seq.align_id 
_struct_ref_seq.ref_id 
_struct_ref_seq.pdbx_PDB_id_code 
_struct_ref_seq.pdbx_strand_id 
_struct_ref_seq.seq_align_beg 
_struct_ref_seq.pdbx_seq_align_beg_ins_code 
_struct_ref_seq.seq_align_end 
_struct_ref_seq.pdbx_seq_align_end_ins_code 
_struct_ref_seq.pdbx_db_accession 
_struct_ref_seq.db_align_beg 
_struct_ref_seq.pdbx_db_align_beg_ins_code 
_struct_ref_seq.db_align_end 
_struct_ref_seq.pdbx_db_align_end_ins_code 
_struct_ref_seq.pdbx_auth_seq_align_beg 
_struct_ref_seq.pdbx_auth_seq_align_end 
1 1 5CN0 A 2  ? 37 ? Q1HMR5 35 ? 70 ? 1  36 
2 2 5CN0 A 38 ? 73 ? 5CN0   37 ? 72 ? 37 72 
# 
_struct_ref_seq_dif.align_id                     1 
_struct_ref_seq_dif.pdbx_pdb_id_code             5CN0 
_struct_ref_seq_dif.mon_id                       SER 
_struct_ref_seq_dif.pdbx_pdb_strand_id           A 
_struct_ref_seq_dif.seq_num                      1 
_struct_ref_seq_dif.pdbx_pdb_ins_code            ? 
_struct_ref_seq_dif.pdbx_seq_db_name             UNP 
_struct_ref_seq_dif.pdbx_seq_db_accession_code   Q1HMR5 
_struct_ref_seq_dif.db_mon_id                    ? 
_struct_ref_seq_dif.pdbx_seq_db_seq_num          ? 
_struct_ref_seq_dif.details                      'expression tag' 
_struct_ref_seq_dif.pdbx_auth_seq_num            0 
_struct_ref_seq_dif.pdbx_ordinal                 1 
# 
_pdbx_struct_assembly.id                   1 
_pdbx_struct_assembly.details              author_and_software_defined_assembly 
_pdbx_struct_assembly.method_details       PISA 
_pdbx_struct_assembly.oligomeric_details   trimeric 
_pdbx_struct_assembly.oligomeric_count     3 
# 
loop_
_pdbx_struct_assembly_prop.biol_id 
_pdbx_struct_assembly_prop.type 
_pdbx_struct_assembly_prop.value 
_pdbx_struct_assembly_prop.details 
1 'ABSA (A^2)' 8970  ? 
1 MORE         -54   ? 
1 'SSA (A^2)'  10540 ? 
# 
_pdbx_struct_assembly_gen.assembly_id       1 
_pdbx_struct_assembly_gen.oper_expression   1,2,3 
_pdbx_struct_assembly_gen.asym_id_list      A,B,C,D,E 
# 
loop_
_pdbx_struct_oper_list.id 
_pdbx_struct_oper_list.type 
_pdbx_struct_oper_list.name 
_pdbx_struct_oper_list.symmetry_operation 
_pdbx_struct_oper_list.matrix[1][1] 
_pdbx_struct_oper_list.matrix[1][2] 
_pdbx_struct_oper_list.matrix[1][3] 
_pdbx_struct_oper_list.vector[1] 
_pdbx_struct_oper_list.matrix[2][1] 
_pdbx_struct_oper_list.matrix[2][2] 
_pdbx_struct_oper_list.matrix[2][3] 
_pdbx_struct_oper_list.vector[2] 
_pdbx_struct_oper_list.matrix[3][1] 
_pdbx_struct_oper_list.matrix[3][2] 
_pdbx_struct_oper_list.matrix[3][3] 
_pdbx_struct_oper_list.vector[3] 
1 'identity operation'         1_555 x,y,z       1.0000000000  0.0000000000  0.0000000000  0.0000000000  0.0000000000  1.0000000000 0.0000000000  0.0000000000  0.0000000000  0.0000000000  1.0000000000  0.0000000000   
2 'crystal symmetry operation' 2_565 -y,x-y+1,z  -0.0529195654 -0.0067783172 0.9985757728  11.4204233824 -0.9966369355 0.0630095232 -0.0523891089 5.2579130326  -0.0625646734 -0.9979899070 -0.0100899578 -5.2732553784  
3 'crystal symmetry operation' 3_455 -x+y-1,-x,z -0.0529195654 -0.9966369355 -0.0625646734 5.5146746738  -0.0067783172 0.0630095232 -0.9979899070 -5.5165429855 0.9985757728  -0.0523891089 -0.0100899578 -11.1819076504 
# 
loop_
_struct_conf.conf_type_id 
_struct_conf.id 
_struct_conf.pdbx_PDB_helix_id 
_struct_conf.beg_label_comp_id 
_struct_conf.beg_label_asym_id 
_struct_conf.beg_label_seq_id 
_struct_conf.pdbx_beg_PDB_ins_code 
_struct_conf.end_label_comp_id 
_struct_conf.end_label_asym_id 
_struct_conf.end_label_seq_id 
_struct_conf.pdbx_end_PDB_ins_code 
_struct_conf.beg_auth_comp_id 
_struct_conf.beg_auth_asym_id 
_struct_conf.beg_auth_seq_id 
_struct_conf.end_auth_comp_id 
_struct_conf.end_auth_asym_id 
_struct_conf.end_auth_seq_id 
_struct_conf.pdbx_PDB_helix_class 
_struct_conf.details 
_struct_conf.pdbx_PDB_helix_length 
HELX_P HELX_P1 AA1 VAL A 5  ? LEU A 37 ? VAL A 4  LEU A 36 1 ? 33 
HELX_P HELX_P2 AA2 TRP A 44 ? GLU A 73 ? TRP A 43 GLU A 72 1 ? 30 
# 
_struct_conf_type.id          HELX_P 
_struct_conf_type.criteria    ? 
_struct_conf_type.reference   ? 
# 
_struct_conn.id                            metalc1 
_struct_conn.conn_type_id                  metalc 
_struct_conn.pdbx_leaving_atom_flag        ? 
_struct_conn.pdbx_PDB_id                   ? 
_struct_conn.ptnr1_label_asym_id           B 
_struct_conn.ptnr1_label_comp_id           MG 
_struct_conn.ptnr1_label_seq_id            . 
_struct_conn.ptnr1_label_atom_id           MG 
_struct_conn.pdbx_ptnr1_label_alt_id       ? 
_struct_conn.pdbx_ptnr1_PDB_ins_code       ? 
_struct_conn.pdbx_ptnr1_standard_comp_id   ? 
_struct_conn.ptnr1_symmetry                1_555 
_struct_conn.ptnr2_label_asym_id           E 
_struct_conn.ptnr2_label_comp_id           HOH 
_struct_conn.ptnr2_label_seq_id            . 
_struct_conn.ptnr2_label_atom_id           O 
_struct_conn.pdbx_ptnr2_label_alt_id       ? 
_struct_conn.pdbx_ptnr2_PDB_ins_code       ? 
_struct_conn.ptnr1_auth_asym_id            A 
_struct_conn.ptnr1_auth_comp_id            MG 
_struct_conn.ptnr1_auth_seq_id             101 
_struct_conn.ptnr2_auth_asym_id            A 
_struct_conn.ptnr2_auth_comp_id            HOH 
_struct_conn.ptnr2_auth_seq_id             229 
_struct_conn.ptnr2_symmetry                1_555 
_struct_conn.pdbx_ptnr3_label_atom_id      ? 
_struct_conn.pdbx_ptnr3_label_seq_id       ? 
_struct_conn.pdbx_ptnr3_label_comp_id      ? 
_struct_conn.pdbx_ptnr3_label_asym_id      ? 
_struct_conn.pdbx_ptnr3_label_alt_id       ? 
_struct_conn.pdbx_ptnr3_PDB_ins_code       ? 
_struct_conn.details                       ? 
_struct_conn.pdbx_dist_value               2.838 
_struct_conn.pdbx_value_order              ? 
_struct_conn.pdbx_role                     ? 
# 
_struct_conn_type.id          metalc 
_struct_conn_type.criteria    ? 
_struct_conn_type.reference   ? 
# 
loop_
_struct_site.id 
_struct_site.pdbx_evidence_code 
_struct_site.pdbx_auth_asym_id 
_struct_site.pdbx_auth_comp_id 
_struct_site.pdbx_auth_seq_id 
_struct_site.pdbx_auth_ins_code 
_struct_site.pdbx_num_residues 
_struct_site.details 
AC1 Software A MG  101 ? 3 'binding site for residue MG A 101'  
AC2 Software A PEG 102 ? 4 'binding site for residue PEG A 102' 
AC3 Software A PEG 103 ? 5 'binding site for residue PEG A 103' 
# 
loop_
_struct_site_gen.id 
_struct_site_gen.site_id 
_struct_site_gen.pdbx_num_res 
_struct_site_gen.label_comp_id 
_struct_site_gen.label_asym_id 
_struct_site_gen.label_seq_id 
_struct_site_gen.pdbx_auth_ins_code 
_struct_site_gen.auth_comp_id 
_struct_site_gen.auth_asym_id 
_struct_site_gen.auth_seq_id 
_struct_site_gen.label_atom_id 
_struct_site_gen.label_alt_id 
_struct_site_gen.symmetry 
_struct_site_gen.details 
1  AC1 3 TRP A 27 ? TRP A 26  . ? 4_455 ? 
2  AC1 3 SER A 38 ? SER A 37  . ? 1_555 ? 
3  AC1 3 HOH E .  ? HOH A 229 . ? 1_555 ? 
4  AC2 4 TRP A 27 ? TRP A 26  . ? 1_555 ? 
5  AC2 4 SER A 38 ? SER A 37  . ? 4_565 ? 
6  AC2 4 LYS A 50 ? LYS A 49  . ? 2_565 ? 
7  AC2 4 HOH E .  ? HOH A 208 . ? 1_555 ? 
8  AC3 5 GLN A 23 ? GLN A 22  . ? 1_555 ? 
9  AC3 5 TRP A 27 ? TRP A 26  . ? 1_555 ? 
10 AC3 5 LYS A 30 ? LYS A 29  . ? 1_555 ? 
11 AC3 5 ILE A 55 ? ILE A 54  . ? 1_555 ? 
12 AC3 5 HOH E .  ? HOH A 212 . ? 1_555 ? 
# 
loop_
_pdbx_validate_close_contact.id 
_pdbx_validate_close_contact.PDB_model_num 
_pdbx_validate_close_contact.auth_atom_id_1 
_pdbx_validate_close_contact.auth_asym_id_1 
_pdbx_validate_close_contact.auth_comp_id_1 
_pdbx_validate_close_contact.auth_seq_id_1 
_pdbx_validate_close_contact.PDB_ins_code_1 
_pdbx_validate_close_contact.label_alt_id_1 
_pdbx_validate_close_contact.auth_atom_id_2 
_pdbx_validate_close_contact.auth_asym_id_2 
_pdbx_validate_close_contact.auth_comp_id_2 
_pdbx_validate_close_contact.auth_seq_id_2 
_pdbx_validate_close_contact.PDB_ins_code_2 
_pdbx_validate_close_contact.label_alt_id_2 
_pdbx_validate_close_contact.dist 
1 1 CB  A ILE 35 ? ? O A HOH 234 ? ? 1.79 
2 1 NZ  A LYS 29 ? ? O A HOH 201 ? ? 1.99 
3 1 CE  A LYS 29 ? ? O A HOH 211 ? ? 2.01 
4 1 N   A ILE 3  ? ? O A HOH 202 ? ? 2.12 
5 1 CG2 A ILE 35 ? ? O A HOH 234 ? ? 2.18 
# 
_pdbx_validate_symm_contact.id                1 
_pdbx_validate_symm_contact.PDB_model_num     1 
_pdbx_validate_symm_contact.auth_atom_id_1    CD1 
_pdbx_validate_symm_contact.auth_asym_id_1    A 
_pdbx_validate_symm_contact.auth_comp_id_1    ILE 
_pdbx_validate_symm_contact.auth_seq_id_1     35 
_pdbx_validate_symm_contact.PDB_ins_code_1    ? 
_pdbx_validate_symm_contact.label_alt_id_1    ? 
_pdbx_validate_symm_contact.site_symmetry_1   1_555 
_pdbx_validate_symm_contact.auth_atom_id_2    O 
_pdbx_validate_symm_contact.auth_asym_id_2    A 
_pdbx_validate_symm_contact.auth_comp_id_2    HOH 
_pdbx_validate_symm_contact.auth_seq_id_2     234 
_pdbx_validate_symm_contact.PDB_ins_code_2    ? 
_pdbx_validate_symm_contact.label_alt_id_2    ? 
_pdbx_validate_symm_contact.site_symmetry_2   2_565 
_pdbx_validate_symm_contact.dist              2.18 
# 
_pdbx_validate_rmsd_bond.id                        1 
_pdbx_validate_rmsd_bond.PDB_model_num             1 
_pdbx_validate_rmsd_bond.auth_atom_id_1            CD 
_pdbx_validate_rmsd_bond.auth_asym_id_1            A 
_pdbx_validate_rmsd_bond.auth_comp_id_1            GLU 
_pdbx_validate_rmsd_bond.auth_seq_id_1             44 
_pdbx_validate_rmsd_bond.PDB_ins_code_1            ? 
_pdbx_validate_rmsd_bond.label_alt_id_1            ? 
_pdbx_validate_rmsd_bond.auth_atom_id_2            OE1 
_pdbx_validate_rmsd_bond.auth_asym_id_2            A 
_pdbx_validate_rmsd_bond.auth_comp_id_2            GLU 
_pdbx_validate_rmsd_bond.auth_seq_id_2             44 
_pdbx_validate_rmsd_bond.PDB_ins_code_2            ? 
_pdbx_validate_rmsd_bond.label_alt_id_2            ? 
_pdbx_validate_rmsd_bond.bond_value                1.184 
_pdbx_validate_rmsd_bond.bond_target_value         1.252 
_pdbx_validate_rmsd_bond.bond_deviation            -0.068 
_pdbx_validate_rmsd_bond.bond_standard_deviation   0.011 
_pdbx_validate_rmsd_bond.linker_flag               N 
# 
loop_
_pdbx_struct_special_symmetry.id 
_pdbx_struct_special_symmetry.PDB_model_num 
_pdbx_struct_special_symmetry.auth_asym_id 
_pdbx_struct_special_symmetry.auth_comp_id 
_pdbx_struct_special_symmetry.auth_seq_id 
_pdbx_struct_special_symmetry.PDB_ins_code 
_pdbx_struct_special_symmetry.label_asym_id 
_pdbx_struct_special_symmetry.label_comp_id 
_pdbx_struct_special_symmetry.label_seq_id 
1  1 A HOH 205 ? E HOH . 
2  1 A HOH 216 ? E HOH . 
3  1 A HOH 235 ? E HOH . 
4  1 A HOH 246 ? E HOH . 
5  1 A HOH 250 ? E HOH . 
6  1 A HOH 253 ? E HOH . 
7  1 A HOH 254 ? E HOH . 
8  1 A HOH 255 ? E HOH . 
9  1 A HOH 256 ? E HOH . 
10 1 A HOH 257 ? E HOH . 
# 
loop_
_pdbx_unobs_or_zero_occ_residues.id 
_pdbx_unobs_or_zero_occ_residues.PDB_model_num 
_pdbx_unobs_or_zero_occ_residues.polymer_flag 
_pdbx_unobs_or_zero_occ_residues.occupancy_flag 
_pdbx_unobs_or_zero_occ_residues.auth_asym_id 
_pdbx_unobs_or_zero_occ_residues.auth_comp_id 
_pdbx_unobs_or_zero_occ_residues.auth_seq_id 
_pdbx_unobs_or_zero_occ_residues.PDB_ins_code 
_pdbx_unobs_or_zero_occ_residues.label_asym_id 
_pdbx_unobs_or_zero_occ_residues.label_comp_id 
_pdbx_unobs_or_zero_occ_residues.label_seq_id 
1 1 Y 1 A SER 0 ? A SER 1 
2 1 Y 1 A SER 1 ? A SER 2 
3 1 Y 1 A GLY 2 ? A GLY 3 
# 
loop_
_chem_comp_atom.comp_id 
_chem_comp_atom.atom_id 
_chem_comp_atom.type_symbol 
_chem_comp_atom.pdbx_aromatic_flag 
_chem_comp_atom.pdbx_stereo_config 
_chem_comp_atom.pdbx_ordinal 
ALA N    N  N N 1   
ALA CA   C  N S 2   
ALA C    C  N N 3   
ALA O    O  N N 4   
ALA CB   C  N N 5   
ALA OXT  O  N N 6   
ALA H    H  N N 7   
ALA H2   H  N N 8   
ALA HA   H  N N 9   
ALA HB1  H  N N 10  
ALA HB2  H  N N 11  
ALA HB3  H  N N 12  
ALA HXT  H  N N 13  
ARG N    N  N N 14  
ARG CA   C  N S 15  
ARG C    C  N N 16  
ARG O    O  N N 17  
ARG CB   C  N N 18  
ARG CG   C  N N 19  
ARG CD   C  N N 20  
ARG NE   N  N N 21  
ARG CZ   C  N N 22  
ARG NH1  N  N N 23  
ARG NH2  N  N N 24  
ARG OXT  O  N N 25  
ARG H    H  N N 26  
ARG H2   H  N N 27  
ARG HA   H  N N 28  
ARG HB2  H  N N 29  
ARG HB3  H  N N 30  
ARG HG2  H  N N 31  
ARG HG3  H  N N 32  
ARG HD2  H  N N 33  
ARG HD3  H  N N 34  
ARG HE   H  N N 35  
ARG HH11 H  N N 36  
ARG HH12 H  N N 37  
ARG HH21 H  N N 38  
ARG HH22 H  N N 39  
ARG HXT  H  N N 40  
ASN N    N  N N 41  
ASN CA   C  N S 42  
ASN C    C  N N 43  
ASN O    O  N N 44  
ASN CB   C  N N 45  
ASN CG   C  N N 46  
ASN OD1  O  N N 47  
ASN ND2  N  N N 48  
ASN OXT  O  N N 49  
ASN H    H  N N 50  
ASN H2   H  N N 51  
ASN HA   H  N N 52  
ASN HB2  H  N N 53  
ASN HB3  H  N N 54  
ASN HD21 H  N N 55  
ASN HD22 H  N N 56  
ASN HXT  H  N N 57  
ASP N    N  N N 58  
ASP CA   C  N S 59  
ASP C    C  N N 60  
ASP O    O  N N 61  
ASP CB   C  N N 62  
ASP CG   C  N N 63  
ASP OD1  O  N N 64  
ASP OD2  O  N N 65  
ASP OXT  O  N N 66  
ASP H    H  N N 67  
ASP H2   H  N N 68  
ASP HA   H  N N 69  
ASP HB2  H  N N 70  
ASP HB3  H  N N 71  
ASP HD2  H  N N 72  
ASP HXT  H  N N 73  
GLN N    N  N N 74  
GLN CA   C  N S 75  
GLN C    C  N N 76  
GLN O    O  N N 77  
GLN CB   C  N N 78  
GLN CG   C  N N 79  
GLN CD   C  N N 80  
GLN OE1  O  N N 81  
GLN NE2  N  N N 82  
GLN OXT  O  N N 83  
GLN H    H  N N 84  
GLN H2   H  N N 85  
GLN HA   H  N N 86  
GLN HB2  H  N N 87  
GLN HB3  H  N N 88  
GLN HG2  H  N N 89  
GLN HG3  H  N N 90  
GLN HE21 H  N N 91  
GLN HE22 H  N N 92  
GLN HXT  H  N N 93  
GLU N    N  N N 94  
GLU CA   C  N S 95  
GLU C    C  N N 96  
GLU O    O  N N 97  
GLU CB   C  N N 98  
GLU CG   C  N N 99  
GLU CD   C  N N 100 
GLU OE1  O  N N 101 
GLU OE2  O  N N 102 
GLU OXT  O  N N 103 
GLU H    H  N N 104 
GLU H2   H  N N 105 
GLU HA   H  N N 106 
GLU HB2  H  N N 107 
GLU HB3  H  N N 108 
GLU HG2  H  N N 109 
GLU HG3  H  N N 110 
GLU HE2  H  N N 111 
GLU HXT  H  N N 112 
GLY N    N  N N 113 
GLY CA   C  N N 114 
GLY C    C  N N 115 
GLY O    O  N N 116 
GLY OXT  O  N N 117 
GLY H    H  N N 118 
GLY H2   H  N N 119 
GLY HA2  H  N N 120 
GLY HA3  H  N N 121 
GLY HXT  H  N N 122 
HIS N    N  N N 123 
HIS CA   C  N S 124 
HIS C    C  N N 125 
HIS O    O  N N 126 
HIS CB   C  N N 127 
HIS CG   C  Y N 128 
HIS ND1  N  Y N 129 
HIS CD2  C  Y N 130 
HIS CE1  C  Y N 131 
HIS NE2  N  Y N 132 
HIS OXT  O  N N 133 
HIS H    H  N N 134 
HIS H2   H  N N 135 
HIS HA   H  N N 136 
HIS HB2  H  N N 137 
HIS HB3  H  N N 138 
HIS HD1  H  N N 139 
HIS HD2  H  N N 140 
HIS HE1  H  N N 141 
HIS HE2  H  N N 142 
HIS HXT  H  N N 143 
HOH O    O  N N 144 
HOH H1   H  N N 145 
HOH H2   H  N N 146 
ILE N    N  N N 147 
ILE CA   C  N S 148 
ILE C    C  N N 149 
ILE O    O  N N 150 
ILE CB   C  N S 151 
ILE CG1  C  N N 152 
ILE CG2  C  N N 153 
ILE CD1  C  N N 154 
ILE OXT  O  N N 155 
ILE H    H  N N 156 
ILE H2   H  N N 157 
ILE HA   H  N N 158 
ILE HB   H  N N 159 
ILE HG12 H  N N 160 
ILE HG13 H  N N 161 
ILE HG21 H  N N 162 
ILE HG22 H  N N 163 
ILE HG23 H  N N 164 
ILE HD11 H  N N 165 
ILE HD12 H  N N 166 
ILE HD13 H  N N 167 
ILE HXT  H  N N 168 
LEU N    N  N N 169 
LEU CA   C  N S 170 
LEU C    C  N N 171 
LEU O    O  N N 172 
LEU CB   C  N N 173 
LEU CG   C  N N 174 
LEU CD1  C  N N 175 
LEU CD2  C  N N 176 
LEU OXT  O  N N 177 
LEU H    H  N N 178 
LEU H2   H  N N 179 
LEU HA   H  N N 180 
LEU HB2  H  N N 181 
LEU HB3  H  N N 182 
LEU HG   H  N N 183 
LEU HD11 H  N N 184 
LEU HD12 H  N N 185 
LEU HD13 H  N N 186 
LEU HD21 H  N N 187 
LEU HD22 H  N N 188 
LEU HD23 H  N N 189 
LEU HXT  H  N N 190 
LYS N    N  N N 191 
LYS CA   C  N S 192 
LYS C    C  N N 193 
LYS O    O  N N 194 
LYS CB   C  N N 195 
LYS CG   C  N N 196 
LYS CD   C  N N 197 
LYS CE   C  N N 198 
LYS NZ   N  N N 199 
LYS OXT  O  N N 200 
LYS H    H  N N 201 
LYS H2   H  N N 202 
LYS HA   H  N N 203 
LYS HB2  H  N N 204 
LYS HB3  H  N N 205 
LYS HG2  H  N N 206 
LYS HG3  H  N N 207 
LYS HD2  H  N N 208 
LYS HD3  H  N N 209 
LYS HE2  H  N N 210 
LYS HE3  H  N N 211 
LYS HZ1  H  N N 212 
LYS HZ2  H  N N 213 
LYS HZ3  H  N N 214 
LYS HXT  H  N N 215 
MG  MG   MG N N 216 
PEG C1   C  N N 217 
PEG O1   O  N N 218 
PEG C2   C  N N 219 
PEG O2   O  N N 220 
PEG C3   C  N N 221 
PEG C4   C  N N 222 
PEG O4   O  N N 223 
PEG H11  H  N N 224 
PEG H12  H  N N 225 
PEG HO1  H  N N 226 
PEG H21  H  N N 227 
PEG H22  H  N N 228 
PEG H31  H  N N 229 
PEG H32  H  N N 230 
PEG H41  H  N N 231 
PEG H42  H  N N 232 
PEG HO4  H  N N 233 
SER N    N  N N 234 
SER CA   C  N S 235 
SER C    C  N N 236 
SER O    O  N N 237 
SER CB   C  N N 238 
SER OG   O  N N 239 
SER OXT  O  N N 240 
SER H    H  N N 241 
SER H2   H  N N 242 
SER HA   H  N N 243 
SER HB2  H  N N 244 
SER HB3  H  N N 245 
SER HG   H  N N 246 
SER HXT  H  N N 247 
THR N    N  N N 248 
THR CA   C  N S 249 
THR C    C  N N 250 
THR O    O  N N 251 
THR CB   C  N R 252 
THR OG1  O  N N 253 
THR CG2  C  N N 254 
THR OXT  O  N N 255 
THR H    H  N N 256 
THR H2   H  N N 257 
THR HA   H  N N 258 
THR HB   H  N N 259 
THR HG1  H  N N 260 
THR HG21 H  N N 261 
THR HG22 H  N N 262 
THR HG23 H  N N 263 
THR HXT  H  N N 264 
TRP N    N  N N 265 
TRP CA   C  N S 266 
TRP C    C  N N 267 
TRP O    O  N N 268 
TRP CB   C  N N 269 
TRP CG   C  Y N 270 
TRP CD1  C  Y N 271 
TRP CD2  C  Y N 272 
TRP NE1  N  Y N 273 
TRP CE2  C  Y N 274 
TRP CE3  C  Y N 275 
TRP CZ2  C  Y N 276 
TRP CZ3  C  Y N 277 
TRP CH2  C  Y N 278 
TRP OXT  O  N N 279 
TRP H    H  N N 280 
TRP H2   H  N N 281 
TRP HA   H  N N 282 
TRP HB2  H  N N 283 
TRP HB3  H  N N 284 
TRP HD1  H  N N 285 
TRP HE1  H  N N 286 
TRP HE3  H  N N 287 
TRP HZ2  H  N N 288 
TRP HZ3  H  N N 289 
TRP HH2  H  N N 290 
TRP HXT  H  N N 291 
VAL N    N  N N 292 
VAL CA   C  N S 293 
VAL C    C  N N 294 
VAL O    O  N N 295 
VAL CB   C  N N 296 
VAL CG1  C  N N 297 
VAL CG2  C  N N 298 
VAL OXT  O  N N 299 
VAL H    H  N N 300 
VAL H2   H  N N 301 
VAL HA   H  N N 302 
VAL HB   H  N N 303 
VAL HG11 H  N N 304 
VAL HG12 H  N N 305 
VAL HG13 H  N N 306 
VAL HG21 H  N N 307 
VAL HG22 H  N N 308 
VAL HG23 H  N N 309 
VAL HXT  H  N N 310 
# 
loop_
_chem_comp_bond.comp_id 
_chem_comp_bond.atom_id_1 
_chem_comp_bond.atom_id_2 
_chem_comp_bond.value_order 
_chem_comp_bond.pdbx_aromatic_flag 
_chem_comp_bond.pdbx_stereo_config 
_chem_comp_bond.pdbx_ordinal 
ALA N   CA   sing N N 1   
ALA N   H    sing N N 2   
ALA N   H2   sing N N 3   
ALA CA  C    sing N N 4   
ALA CA  CB   sing N N 5   
ALA CA  HA   sing N N 6   
ALA C   O    doub N N 7   
ALA C   OXT  sing N N 8   
ALA CB  HB1  sing N N 9   
ALA CB  HB2  sing N N 10  
ALA CB  HB3  sing N N 11  
ALA OXT HXT  sing N N 12  
ARG N   CA   sing N N 13  
ARG N   H    sing N N 14  
ARG N   H2   sing N N 15  
ARG CA  C    sing N N 16  
ARG CA  CB   sing N N 17  
ARG CA  HA   sing N N 18  
ARG C   O    doub N N 19  
ARG C   OXT  sing N N 20  
ARG CB  CG   sing N N 21  
ARG CB  HB2  sing N N 22  
ARG CB  HB3  sing N N 23  
ARG CG  CD   sing N N 24  
ARG CG  HG2  sing N N 25  
ARG CG  HG3  sing N N 26  
ARG CD  NE   sing N N 27  
ARG CD  HD2  sing N N 28  
ARG CD  HD3  sing N N 29  
ARG NE  CZ   sing N N 30  
ARG NE  HE   sing N N 31  
ARG CZ  NH1  sing N N 32  
ARG CZ  NH2  doub N N 33  
ARG NH1 HH11 sing N N 34  
ARG NH1 HH12 sing N N 35  
ARG NH2 HH21 sing N N 36  
ARG NH2 HH22 sing N N 37  
ARG OXT HXT  sing N N 38  
ASN N   CA   sing N N 39  
ASN N   H    sing N N 40  
ASN N   H2   sing N N 41  
ASN CA  C    sing N N 42  
ASN CA  CB   sing N N 43  
ASN CA  HA   sing N N 44  
ASN C   O    doub N N 45  
ASN C   OXT  sing N N 46  
ASN CB  CG   sing N N 47  
ASN CB  HB2  sing N N 48  
ASN CB  HB3  sing N N 49  
ASN CG  OD1  doub N N 50  
ASN CG  ND2  sing N N 51  
ASN ND2 HD21 sing N N 52  
ASN ND2 HD22 sing N N 53  
ASN OXT HXT  sing N N 54  
ASP N   CA   sing N N 55  
ASP N   H    sing N N 56  
ASP N   H2   sing N N 57  
ASP CA  C    sing N N 58  
ASP CA  CB   sing N N 59  
ASP CA  HA   sing N N 60  
ASP C   O    doub N N 61  
ASP C   OXT  sing N N 62  
ASP CB  CG   sing N N 63  
ASP CB  HB2  sing N N 64  
ASP CB  HB3  sing N N 65  
ASP CG  OD1  doub N N 66  
ASP CG  OD2  sing N N 67  
ASP OD2 HD2  sing N N 68  
ASP OXT HXT  sing N N 69  
GLN N   CA   sing N N 70  
GLN N   H    sing N N 71  
GLN N   H2   sing N N 72  
GLN CA  C    sing N N 73  
GLN CA  CB   sing N N 74  
GLN CA  HA   sing N N 75  
GLN C   O    doub N N 76  
GLN C   OXT  sing N N 77  
GLN CB  CG   sing N N 78  
GLN CB  HB2  sing N N 79  
GLN CB  HB3  sing N N 80  
GLN CG  CD   sing N N 81  
GLN CG  HG2  sing N N 82  
GLN CG  HG3  sing N N 83  
GLN CD  OE1  doub N N 84  
GLN CD  NE2  sing N N 85  
GLN NE2 HE21 sing N N 86  
GLN NE2 HE22 sing N N 87  
GLN OXT HXT  sing N N 88  
GLU N   CA   sing N N 89  
GLU N   H    sing N N 90  
GLU N   H2   sing N N 91  
GLU CA  C    sing N N 92  
GLU CA  CB   sing N N 93  
GLU CA  HA   sing N N 94  
GLU C   O    doub N N 95  
GLU C   OXT  sing N N 96  
GLU CB  CG   sing N N 97  
GLU CB  HB2  sing N N 98  
GLU CB  HB3  sing N N 99  
GLU CG  CD   sing N N 100 
GLU CG  HG2  sing N N 101 
GLU CG  HG3  sing N N 102 
GLU CD  OE1  doub N N 103 
GLU CD  OE2  sing N N 104 
GLU OE2 HE2  sing N N 105 
GLU OXT HXT  sing N N 106 
GLY N   CA   sing N N 107 
GLY N   H    sing N N 108 
GLY N   H2   sing N N 109 
GLY CA  C    sing N N 110 
GLY CA  HA2  sing N N 111 
GLY CA  HA3  sing N N 112 
GLY C   O    doub N N 113 
GLY C   OXT  sing N N 114 
GLY OXT HXT  sing N N 115 
HIS N   CA   sing N N 116 
HIS N   H    sing N N 117 
HIS N   H2   sing N N 118 
HIS CA  C    sing N N 119 
HIS CA  CB   sing N N 120 
HIS CA  HA   sing N N 121 
HIS C   O    doub N N 122 
HIS C   OXT  sing N N 123 
HIS CB  CG   sing N N 124 
HIS CB  HB2  sing N N 125 
HIS CB  HB3  sing N N 126 
HIS CG  ND1  sing Y N 127 
HIS CG  CD2  doub Y N 128 
HIS ND1 CE1  doub Y N 129 
HIS ND1 HD1  sing N N 130 
HIS CD2 NE2  sing Y N 131 
HIS CD2 HD2  sing N N 132 
HIS CE1 NE2  sing Y N 133 
HIS CE1 HE1  sing N N 134 
HIS NE2 HE2  sing N N 135 
HIS OXT HXT  sing N N 136 
HOH O   H1   sing N N 137 
HOH O   H2   sing N N 138 
ILE N   CA   sing N N 139 
ILE N   H    sing N N 140 
ILE N   H2   sing N N 141 
ILE CA  C    sing N N 142 
ILE CA  CB   sing N N 143 
ILE CA  HA   sing N N 144 
ILE C   O    doub N N 145 
ILE C   OXT  sing N N 146 
ILE CB  CG1  sing N N 147 
ILE CB  CG2  sing N N 148 
ILE CB  HB   sing N N 149 
ILE CG1 CD1  sing N N 150 
ILE CG1 HG12 sing N N 151 
ILE CG1 HG13 sing N N 152 
ILE CG2 HG21 sing N N 153 
ILE CG2 HG22 sing N N 154 
ILE CG2 HG23 sing N N 155 
ILE CD1 HD11 sing N N 156 
ILE CD1 HD12 sing N N 157 
ILE CD1 HD13 sing N N 158 
ILE OXT HXT  sing N N 159 
LEU N   CA   sing N N 160 
LEU N   H    sing N N 161 
LEU N   H2   sing N N 162 
LEU CA  C    sing N N 163 
LEU CA  CB   sing N N 164 
LEU CA  HA   sing N N 165 
LEU C   O    doub N N 166 
LEU C   OXT  sing N N 167 
LEU CB  CG   sing N N 168 
LEU CB  HB2  sing N N 169 
LEU CB  HB3  sing N N 170 
LEU CG  CD1  sing N N 171 
LEU CG  CD2  sing N N 172 
LEU CG  HG   sing N N 173 
LEU CD1 HD11 sing N N 174 
LEU CD1 HD12 sing N N 175 
LEU CD1 HD13 sing N N 176 
LEU CD2 HD21 sing N N 177 
LEU CD2 HD22 sing N N 178 
LEU CD2 HD23 sing N N 179 
LEU OXT HXT  sing N N 180 
LYS N   CA   sing N N 181 
LYS N   H    sing N N 182 
LYS N   H2   sing N N 183 
LYS CA  C    sing N N 184 
LYS CA  CB   sing N N 185 
LYS CA  HA   sing N N 186 
LYS C   O    doub N N 187 
LYS C   OXT  sing N N 188 
LYS CB  CG   sing N N 189 
LYS CB  HB2  sing N N 190 
LYS CB  HB3  sing N N 191 
LYS CG  CD   sing N N 192 
LYS CG  HG2  sing N N 193 
LYS CG  HG3  sing N N 194 
LYS CD  CE   sing N N 195 
LYS CD  HD2  sing N N 196 
LYS CD  HD3  sing N N 197 
LYS CE  NZ   sing N N 198 
LYS CE  HE2  sing N N 199 
LYS CE  HE3  sing N N 200 
LYS NZ  HZ1  sing N N 201 
LYS NZ  HZ2  sing N N 202 
LYS NZ  HZ3  sing N N 203 
LYS OXT HXT  sing N N 204 
PEG C1  O1   sing N N 205 
PEG C1  C2   sing N N 206 
PEG C1  H11  sing N N 207 
PEG C1  H12  sing N N 208 
PEG O1  HO1  sing N N 209 
PEG C2  O2   sing N N 210 
PEG C2  H21  sing N N 211 
PEG C2  H22  sing N N 212 
PEG O2  C3   sing N N 213 
PEG C3  C4   sing N N 214 
PEG C3  H31  sing N N 215 
PEG C3  H32  sing N N 216 
PEG C4  O4   sing N N 217 
PEG C4  H41  sing N N 218 
PEG C4  H42  sing N N 219 
PEG O4  HO4  sing N N 220 
SER N   CA   sing N N 221 
SER N   H    sing N N 222 
SER N   H2   sing N N 223 
SER CA  C    sing N N 224 
SER CA  CB   sing N N 225 
SER CA  HA   sing N N 226 
SER C   O    doub N N 227 
SER C   OXT  sing N N 228 
SER CB  OG   sing N N 229 
SER CB  HB2  sing N N 230 
SER CB  HB3  sing N N 231 
SER OG  HG   sing N N 232 
SER OXT HXT  sing N N 233 
THR N   CA   sing N N 234 
THR N   H    sing N N 235 
THR N   H2   sing N N 236 
THR CA  C    sing N N 237 
THR CA  CB   sing N N 238 
THR CA  HA   sing N N 239 
THR C   O    doub N N 240 
THR C   OXT  sing N N 241 
THR CB  OG1  sing N N 242 
THR CB  CG2  sing N N 243 
THR CB  HB   sing N N 244 
THR OG1 HG1  sing N N 245 
THR CG2 HG21 sing N N 246 
THR CG2 HG22 sing N N 247 
THR CG2 HG23 sing N N 248 
THR OXT HXT  sing N N 249 
TRP N   CA   sing N N 250 
TRP N   H    sing N N 251 
TRP N   H2   sing N N 252 
TRP CA  C    sing N N 253 
TRP CA  CB   sing N N 254 
TRP CA  HA   sing N N 255 
TRP C   O    doub N N 256 
TRP C   OXT  sing N N 257 
TRP CB  CG   sing N N 258 
TRP CB  HB2  sing N N 259 
TRP CB  HB3  sing N N 260 
TRP CG  CD1  doub Y N 261 
TRP CG  CD2  sing Y N 262 
TRP CD1 NE1  sing Y N 263 
TRP CD1 HD1  sing N N 264 
TRP CD2 CE2  doub Y N 265 
TRP CD2 CE3  sing Y N 266 
TRP NE1 CE2  sing Y N 267 
TRP NE1 HE1  sing N N 268 
TRP CE2 CZ2  sing Y N 269 
TRP CE3 CZ3  doub Y N 270 
TRP CE3 HE3  sing N N 271 
TRP CZ2 CH2  doub Y N 272 
TRP CZ2 HZ2  sing N N 273 
TRP CZ3 CH2  sing Y N 274 
TRP CZ3 HZ3  sing N N 275 
TRP CH2 HH2  sing N N 276 
TRP OXT HXT  sing N N 277 
VAL N   CA   sing N N 278 
VAL N   H    sing N N 279 
VAL N   H2   sing N N 280 
VAL CA  C    sing N N 281 
VAL CA  CB   sing N N 282 
VAL CA  HA   sing N N 283 
VAL C   O    doub N N 284 
VAL C   OXT  sing N N 285 
VAL CB  CG1  sing N N 286 
VAL CB  CG2  sing N N 287 
VAL CB  HB   sing N N 288 
VAL CG1 HG11 sing N N 289 
VAL CG1 HG12 sing N N 290 
VAL CG1 HG13 sing N N 291 
VAL CG2 HG21 sing N N 292 
VAL CG2 HG22 sing N N 293 
VAL CG2 HG23 sing N N 294 
VAL OXT HXT  sing N N 295 
# 
_atom_sites.entry_id                    5CN0 
_atom_sites.fract_transf_matrix[1][1]   -0.01230640 
_atom_sites.fract_transf_matrix[1][2]   0.01345883 
_atom_sites.fract_transf_matrix[1][3]   0.02618420 
_atom_sites.fract_transf_matrix[2][1]   0.01440010 
_atom_sites.fract_transf_matrix[2][2]   0.02519993 
_atom_sites.fract_transf_matrix[2][3]   0.01325838 
_atom_sites.fract_transf_matrix[3][1]   -0.00190862 
_atom_sites.fract_transf_matrix[3][2]   0.00214182 
_atom_sites.fract_transf_matrix[3][3]   -0.00199795 
_atom_sites.fract_transf_vector[1]      -0.119073 
_atom_sites.fract_transf_vector[2]      0.326937 
_atom_sites.fract_transf_vector[3]      -0.072427 
# 
loop_
_atom_type.symbol 
C  
MG 
N  
O  
# 
loop_
_atom_site.group_PDB 
_atom_site.id 
_atom_site.type_symbol 
_atom_site.label_atom_id 
_atom_site.label_alt_id 
_atom_site.label_comp_id 
_atom_site.label_asym_id 
_atom_site.label_entity_id 
_atom_site.label_seq_id 
_atom_site.pdbx_PDB_ins_code 
_atom_site.Cartn_x 
_atom_site.Cartn_y 
_atom_site.Cartn_z 
_atom_site.occupancy 
_atom_site.B_iso_or_equiv 
_atom_site.pdbx_formal_charge 
_atom_site.auth_seq_id 
_atom_site.auth_comp_id 
_atom_site.auth_asym_id 
_atom_site.auth_atom_id 
_atom_site.pdbx_PDB_model_num 
ATOM   1   N  N   . ILE A 1 4  ? 22.144  -9.887  9.954   1.00 54.65 ? 3   ILE A N   1 
ATOM   2   C  CA  . ILE A 1 4  ? 20.871  -10.379 9.449   1.00 62.47 ? 3   ILE A CA  1 
ATOM   3   C  C   . ILE A 1 4  ? 19.723  -9.993  10.361  1.00 54.60 ? 3   ILE A C   1 
ATOM   4   O  O   . ILE A 1 4  ? 18.615  -10.433 10.219  1.00 55.30 ? 3   ILE A O   1 
ATOM   5   C  CB  . ILE A 1 4  ? 20.926  -11.902 9.333   1.00 61.07 ? 3   ILE A CB  1 
ATOM   6   C  CG1 . ILE A 1 4  ? 19.669  -12.426 8.717   1.00 55.81 ? 3   ILE A CG1 1 
ATOM   7   C  CG2 . ILE A 1 4  ? 21.002  -12.526 10.684  1.00 65.40 ? 3   ILE A CG2 1 
ATOM   8   C  CD1 . ILE A 1 4  ? 19.816  -13.837 8.262   1.00 56.41 ? 3   ILE A CD1 1 
ATOM   9   N  N   . VAL A 1 5  ? 20.052  -9.142  11.306  1.00 56.16 ? 4   VAL A N   1 
ATOM   10  C  CA  . VAL A 1 5  ? 19.297  -8.846  12.471  1.00 52.98 ? 4   VAL A CA  1 
ATOM   11  C  C   . VAL A 1 5  ? 18.669  -7.501  12.139  1.00 50.96 ? 4   VAL A C   1 
ATOM   12  O  O   . VAL A 1 5  ? 17.480  -7.300  12.096  1.00 47.97 ? 4   VAL A O   1 
ATOM   13  C  CB  . VAL A 1 5  ? 20.304  -8.752  13.684  1.00 65.53 ? 4   VAL A CB  1 
ATOM   14  C  CG1 . VAL A 1 5  ? 21.257  -9.960  13.747  1.00 52.68 ? 4   VAL A CG1 1 
ATOM   15  C  CG2 . VAL A 1 5  ? 21.110  -7.441  13.719  1.00 48.43 ? 4   VAL A CG2 1 
ATOM   16  N  N   . GLN A 1 6  ? 19.552  -6.597  11.861  1.00 38.00 ? 5   GLN A N   1 
ATOM   17  C  CA  . GLN A 1 6  ? 19.280  -5.230  11.455  1.00 49.88 ? 5   GLN A CA  1 
ATOM   18  C  C   . GLN A 1 6  ? 19.090  -5.214  9.937   1.00 45.31 ? 5   GLN A C   1 
ATOM   19  O  O   . GLN A 1 6  ? 18.786  -4.185  9.342   1.00 44.60 ? 5   GLN A O   1 
ATOM   20  C  CB  . GLN A 1 6  ? 20.424  -4.307  11.890  1.00 46.24 ? 5   GLN A CB  1 
ATOM   21  C  CG  . GLN A 1 6  ? 20.150  -2.808  11.720  1.00 63.17 ? 5   GLN A CG  1 
ATOM   22  C  CD  . GLN A 1 6  ? 18.928  -2.334  12.492  1.00 61.53 ? 5   GLN A CD  1 
ATOM   23  O  OE1 . GLN A 1 6  ? 18.583  -2.889  13.538  1.00 61.25 ? 5   GLN A OE1 1 
ATOM   24  N  NE2 . GLN A 1 6  ? 18.262  -1.304  11.974  1.00 62.36 ? 5   GLN A NE2 1 
ATOM   25  N  N   . GLN A 1 7  ? 19.274  -6.370  9.313   1.00 41.87 ? 6   GLN A N   1 
ATOM   26  C  CA  . GLN A 1 7  ? 19.128  -6.466  7.878   1.00 44.54 ? 6   GLN A CA  1 
ATOM   27  C  C   . GLN A 1 7  ? 17.647  -6.594  7.547   1.00 43.72 ? 6   GLN A C   1 
ATOM   28  O  O   . GLN A 1 7  ? 17.155  -5.928  6.688   1.00 35.14 ? 6   GLN A O   1 
ATOM   29  C  CB  . GLN A 1 7  ? 19.918  -7.637  7.307   1.00 54.21 ? 6   GLN A CB  1 
ATOM   30  C  CG  . GLN A 1 7  ? 21.341  -7.331  6.895   1.00 56.94 ? 6   GLN A CG  1 
ATOM   31  C  CD  . GLN A 1 7  ? 22.112  -8.602  6.486   1.00 74.66 ? 6   GLN A CD  1 
ATOM   32  O  OE1 . GLN A 1 7  ? 21.795  -9.214  5.473   1.00 68.43 ? 6   GLN A OE1 1 
ATOM   33  N  NE2 . GLN A 1 7  ? 23.122  -8.991  7.286   1.00 60.23 ? 6   GLN A NE2 1 
ATOM   34  N  N   . GLN A 1 8  ? 16.960  -7.428  8.303   1.00 34.40 ? 7   GLN A N   1 
ATOM   35  C  CA  . GLN A 1 8  ? 15.593  -7.727  8.058   1.00 40.53 ? 7   GLN A CA  1 
ATOM   36  C  C   . GLN A 1 8  ? 14.755  -6.563  8.467   1.00 38.96 ? 7   GLN A C   1 
ATOM   37  O  O   . GLN A 1 8  ? 13.773  -6.280  7.877   1.00 39.10 ? 7   GLN A O   1 
ATOM   38  C  CB  . GLN A 1 8  ? 15.213  -9.009  8.791   1.00 38.69 ? 7   GLN A CB  1 
ATOM   39  C  CG  . GLN A 1 8  ? 15.963  -10.193 8.259   1.00 50.11 ? 7   GLN A CG  1 
ATOM   40  C  CD  . GLN A 1 8  ? 15.065  -11.371 8.009   1.00 57.89 ? 7   GLN A CD  1 
ATOM   41  O  OE1 . GLN A 1 8  ? 14.428  -11.883 8.918   1.00 55.69 ? 7   GLN A OE1 1 
ATOM   42  N  NE2 . GLN A 1 8  ? 15.018  -11.810 6.779   1.00 52.75 ? 7   GLN A NE2 1 
ATOM   43  N  N   . ASN A 1 9  ? 15.237  -5.844  9.446   1.00 33.42 ? 8   ASN A N   1 
ATOM   44  C  CA  . ASN A 1 9  ? 14.568  -4.679  9.909   1.00 36.46 ? 8   ASN A CA  1 
ATOM   45  C  C   . ASN A 1 9  ? 14.584  -3.565  8.864   1.00 34.26 ? 8   ASN A C   1 
ATOM   46  O  O   . ASN A 1 9  ? 13.618  -2.900  8.668   1.00 32.05 ? 8   ASN A O   1 
ATOM   47  C  CB  . ASN A 1 9  ? 15.233  -4.254  11.191  1.00 42.66 ? 8   ASN A CB  1 
ATOM   48  C  CG  . ASN A 1 9  ? 14.390  -3.366  12.008  1.00 52.30 ? 8   ASN A CG  1 
ATOM   49  O  OD1 . ASN A 1 9  ? 13.756  -2.497  11.481  1.00 55.20 ? 8   ASN A OD1 1 
ATOM   50  N  ND2 . ASN A 1 9  ? 14.390  -3.565  13.307  1.00 45.29 ? 8   ASN A ND2 1 
ATOM   51  N  N   . ASN A 1 10 ? 15.694  -3.404  8.180   1.00 29.56 ? 9   ASN A N   1 
ATOM   52  C  CA  . ASN A 1 10 ? 15.770  -2.417  7.115   1.00 29.72 ? 9   ASN A CA  1 
ATOM   53  C  C   . ASN A 1 10 ? 15.053  -2.861  5.837   1.00 30.92 ? 9   ASN A C   1 
ATOM   54  O  O   . ASN A 1 10 ? 14.563  -2.022  5.071   1.00 29.28 ? 9   ASN A O   1 
ATOM   55  C  CB  . ASN A 1 10 ? 17.222  -2.055  6.821   1.00 34.73 ? 9   ASN A CB  1 
ATOM   56  C  CG  . ASN A 1 10 ? 17.907  -1.403  8.005   1.00 40.46 ? 9   ASN A CG  1 
ATOM   57  O  OD1 . ASN A 1 10 ? 17.269  -0.715  8.814   1.00 30.63 ? 9   ASN A OD1 1 
ATOM   58  N  ND2 . ASN A 1 10 ? 19.211  -1.615  8.113   1.00 37.84 ? 9   ASN A ND2 1 
ATOM   59  N  N   . LEU A 1 11 ? 14.985  -4.145  5.600   1.00 27.62 ? 10  LEU A N   1 
ATOM   60  C  CA  . LEU A 1 11 ? 14.178  -4.632  4.524   1.00 18.46 ? 10  LEU A CA  1 
ATOM   61  C  C   . LEU A 1 11 ? 12.718  -4.293  4.770   1.00 27.08 ? 10  LEU A C   1 
ATOM   62  O  O   . LEU A 1 11 ? 12.028  -3.846  3.911   1.00 25.46 ? 10  LEU A O   1 
ATOM   63  C  CB  . LEU A 1 11 ? 14.338  -6.110  4.325   1.00 20.61 ? 10  LEU A CB  1 
ATOM   64  C  CG  . LEU A 1 11 ? 15.688  -6.523  3.814   1.00 35.11 ? 10  LEU A CG  1 
ATOM   65  C  CD1 . LEU A 1 11 ? 15.901  -8.016  3.991   1.00 30.44 ? 10  LEU A CD1 1 
ATOM   66  C  CD2 . LEU A 1 11 ? 15.877  -6.125  2.373   1.00 24.23 ? 10  LEU A CD2 1 
ATOM   67  N  N   . LEU A 1 12 ? 12.272  -4.541  5.963   1.00 21.45 ? 11  LEU A N   1 
ATOM   68  C  CA  . LEU A 1 12 ? 10.889  -4.250  6.304   1.00 27.58 ? 11  LEU A CA  1 
ATOM   69  C  C   . LEU A 1 12 ? 10.593  -2.759  6.137   1.00 26.31 ? 11  LEU A C   1 
ATOM   70  O  O   . LEU A 1 12 ? 9.600   -2.384  5.509   1.00 21.54 ? 11  LEU A O   1 
ATOM   71  C  CB  . LEU A 1 12 ? 10.589  -4.694  7.734   1.00 32.31 ? 11  LEU A CB  1 
ATOM   72  C  CG  . LEU A 1 12 ? 9.265   -4.237  8.344   1.00 27.80 ? 11  LEU A CG  1 
ATOM   73  C  CD1 . LEU A 1 12 ? 8.093   -4.971  7.715   1.00 29.74 ? 11  LEU A CD1 1 
ATOM   74  C  CD2 . LEU A 1 12 ? 9.298   -4.463  9.843   1.00 31.65 ? 11  LEU A CD2 1 
ATOM   75  N  N   . ARG A 1 13 ? 11.473  -1.927  6.685   1.00 20.88 ? 12  ARG A N   1 
ATOM   76  C  CA  . ARG A 1 13 ? 11.321  -0.482  6.616   1.00 28.18 ? 12  ARG A CA  1 
ATOM   77  C  C   . ARG A 1 13 ? 11.317  0.017   5.174   1.00 27.67 ? 12  ARG A C   1 
ATOM   78  O  O   . ARG A 1 13 ? 10.595  0.962   4.841   1.00 24.95 ? 12  ARG A O   1 
ATOM   79  C  CB  . ARG A 1 13 ? 12.419  0.220   7.420   1.00 34.62 ? 12  ARG A CB  1 
ATOM   80  C  CG  . ARG A 1 13 ? 12.259  0.086   8.940   1.00 42.49 ? 12  ARG A CG  1 
ATOM   81  C  CD  . ARG A 1 13 ? 12.836  1.292   9.681   1.00 53.71 ? 12  ARG A CD  1 
ATOM   82  N  NE  . ARG A 1 13 ? 14.267  1.161   9.943   1.00 56.87 ? 12  ARG A NE  1 
ATOM   83  C  CZ  . ARG A 1 13 ? 15.137  2.169   9.911   1.00 65.73 ? 12  ARG A CZ  1 
ATOM   84  N  NH1 . ARG A 1 13 ? 14.725  3.400   9.618   1.00 64.86 ? 12  ARG A NH1 1 
ATOM   85  N  NH2 . ARG A 1 13 ? 16.426  1.943   10.161  1.00 67.57 ? 12  ARG A NH2 1 
ATOM   86  N  N   . ALA A 1 14 ? 12.120  -0.612  4.325   1.00 22.90 ? 13  ALA A N   1 
ATOM   87  C  CA  . ALA A 1 14 ? 12.138  -0.259  2.907   1.00 23.22 ? 13  ALA A CA  1 
ATOM   88  C  C   . ALA A 1 14 ? 10.788  -0.635  2.266   1.00 23.15 ? 13  ALA A C   1 
ATOM   89  O  O   . ALA A 1 14 ? 10.194  0.141   1.524   1.00 25.97 ? 13  ALA A O   1 
ATOM   90  C  CB  . ALA A 1 14 ? 13.284  -0.964  2.214   1.00 20.54 ? 13  ALA A CB  1 
ATOM   91  N  N   . ILE A 1 15 ? 10.318  -1.835  2.573   1.00 17.45 ? 14  ILE A N   1 
ATOM   92  C  CA  . ILE A 1 15 ? 9.034   -2.309  2.113   1.00 23.63 ? 14  ILE A CA  1 
ATOM   93  C  C   . ILE A 1 15 ? 7.925   -1.353  2.545   1.00 29.36 ? 14  ILE A C   1 
ATOM   94  O  O   . ILE A 1 15 ? 7.054   -1.001  1.742   1.00 26.37 ? 14  ILE A O   1 
ATOM   95  C  CB  . ILE A 1 15 ? 8.760   -3.720  2.641   1.00 23.59 ? 14  ILE A CB  1 
ATOM   96  C  CG1 . ILE A 1 15 ? 9.655   -4.726  1.913   1.00 34.04 ? 14  ILE A CG1 1 
ATOM   97  C  CG2 . ILE A 1 15 ? 7.302   -4.090  2.472   1.00 23.60 ? 14  ILE A CG2 1 
ATOM   98  C  CD1 . ILE A 1 15 ? 9.675   -6.082  2.571   1.00 30.57 ? 14  ILE A CD1 1 
ATOM   99  N  N   . GLU A 1 16 ? 7.957   -0.919  3.781   1.00 27.94 ? 15  GLU A N   1 
ATOM   100 C  CA  . GLU A 1 16 ? 7.026   0.066   4.284   1.00 25.16 ? 15  GLU A CA  1 
ATOM   101 C  C   . GLU A 1 16 ? 7.039   1.368   3.493   1.00 25.74 ? 15  GLU A C   1 
ATOM   102 O  O   . GLU A 1 16 ? 6.022   1.853   3.141   1.00 24.58 ? 15  GLU A O   1 
ATOM   103 C  CB  . GLU A 1 16 ? 7.296   0.390   5.728   1.00 27.22 ? 15  GLU A CB  1 
ATOM   104 C  CG  . GLU A 1 16 ? 6.037   0.512   6.509   1.00 35.32 ? 15  GLU A CG  1 
ATOM   105 C  CD  . GLU A 1 16 ? 6.199   0.776   7.986   1.00 44.51 ? 15  GLU A CD  1 
ATOM   106 O  OE1 . GLU A 1 16 ? 5.138   0.993   8.578   1.00 47.39 ? 15  GLU A OE1 1 
ATOM   107 O  OE2 . GLU A 1 16 ? 7.323   0.760   8.538   1.00 38.29 ? 15  GLU A OE2 1 
ATOM   108 N  N   . ALA A 1 17 ? 8.206   1.927   3.277   1.00 24.24 ? 16  ALA A N   1 
ATOM   109 C  CA  . ALA A 1 17 ? 8.328   3.164   2.537   1.00 19.87 ? 16  ALA A CA  1 
ATOM   110 C  C   . ALA A 1 17 ? 7.698   3.027   1.123   1.00 20.42 ? 16  ALA A C   1 
ATOM   111 O  O   . ALA A 1 17 ? 6.984   3.881   0.672   1.00 14.89 ? 16  ALA A O   1 
ATOM   112 C  CB  . ALA A 1 17 ? 9.781   3.609   2.483   1.00 18.96 ? 16  ALA A CB  1 
ATOM   113 N  N   . GLN A 1 18 ? 7.951   1.891   0.497   1.00 16.79 ? 17  GLN A N   1 
ATOM   114 C  CA  . GLN A 1 18 ? 7.450   1.584   -0.822  1.00 20.15 ? 17  GLN A CA  1 
ATOM   115 C  C   . GLN A 1 18 ? 5.934   1.468   -0.804  1.00 21.28 ? 17  GLN A C   1 
ATOM   116 O  O   . GLN A 1 18 ? 5.255   1.973   -1.638  1.00 16.37 ? 17  GLN A O   1 
ATOM   117 C  CB  . GLN A 1 18 ? 8.158   0.373   -1.401  1.00 19.36 ? 17  GLN A CB  1 
ATOM   118 C  CG  . GLN A 1 18 ? 9.632   0.677   -1.616  1.00 26.72 ? 17  GLN A CG  1 
ATOM   119 C  CD  . GLN A 1 18 ? 10.398  -0.358  -2.417  1.00 27.72 ? 17  GLN A CD  1 
ATOM   120 O  OE1 . GLN A 1 18 ? 10.107  -1.504  -2.403  1.00 28.16 ? 17  GLN A OE1 1 
ATOM   121 N  NE2 . GLN A 1 18 ? 11.402  0.097   -3.103  1.00 30.49 ? 17  GLN A NE2 1 
ATOM   122 N  N   . GLN A 1 19 ? 5.441   0.854   0.244   1.00 22.00 ? 18  GLN A N   1 
ATOM   123 C  CA  . GLN A 1 19 ? 4.041   0.864   0.539   1.00 21.75 ? 18  GLN A CA  1 
ATOM   124 C  C   . GLN A 1 19 ? 3.399   2.260   0.545   1.00 23.08 ? 18  GLN A C   1 
ATOM   125 O  O   . GLN A 1 19 ? 2.369   2.451   -0.003  1.00 21.93 ? 18  GLN A O   1 
ATOM   126 C  CB  . GLN A 1 19 ? 3.883   0.252   1.881   1.00 31.40 ? 18  GLN A CB  1 
ATOM   127 C  CG  . GLN A 1 19 ? 2.574   0.424   2.552   1.00 36.68 ? 18  GLN A CG  1 
ATOM   128 C  CD  . GLN A 1 19 ? 1.773   -0.737  2.268   1.00 43.41 ? 18  GLN A CD  1 
ATOM   129 O  OE1 . GLN A 1 19 ? 1.714   -1.174  1.137   1.00 36.58 ? 18  GLN A OE1 1 
ATOM   130 N  NE2 . GLN A 1 19 ? 1.255   -1.336  3.301   1.00 36.46 ? 18  GLN A NE2 1 
ATOM   131 N  N   . HIS A 1 20 ? 3.981   3.176   1.293   1.00 22.18 ? 19  HIS A N   1 
ATOM   132 C  CA  . HIS A 1 20 ? 3.474   4.539   1.412   1.00 18.49 ? 19  HIS A CA  1 
ATOM   133 C  C   . HIS A 1 20 ? 3.594   5.258   0.064   1.00 19.43 ? 19  HIS A C   1 
ATOM   134 O  O   . HIS A 1 20 ? 2.752   5.986   -0.318  1.00 17.94 ? 19  HIS A O   1 
ATOM   135 C  CB  . HIS A 1 20 ? 4.188   5.310   2.533   1.00 14.78 ? 19  HIS A CB  1 
ATOM   136 C  CG  . HIS A 1 20 ? 3.963   4.729   3.893   1.00 34.41 ? 19  HIS A CG  1 
ATOM   137 N  ND1 . HIS A 1 20 ? 2.791   4.123   4.245   1.00 31.99 ? 19  HIS A ND1 1 
ATOM   138 C  CD2 . HIS A 1 20 ? 4.782   4.584   4.957   1.00 35.66 ? 19  HIS A CD2 1 
ATOM   139 C  CE1 . HIS A 1 20 ? 2.872   3.663   5.468   1.00 31.29 ? 19  HIS A CE1 1 
ATOM   140 N  NE2 . HIS A 1 20 ? 4.074   3.926   5.923   1.00 36.70 ? 19  HIS A NE2 1 
ATOM   141 N  N   . LEU A 1 21 ? 4.637   4.939   -0.652  1.00 14.44 ? 20  LEU A N   1 
ATOM   142 C  CA  . LEU A 1 21 ? 4.820   5.461   -1.966  1.00 15.83 ? 20  LEU A CA  1 
ATOM   143 C  C   . LEU A 1 21 ? 3.671   5.015   -2.817  1.00 16.18 ? 20  LEU A C   1 
ATOM   144 O  O   . LEU A 1 21 ? 3.036   5.796   -3.460  1.00 15.50 ? 20  LEU A O   1 
ATOM   145 C  CB  . LEU A 1 21 ? 6.099   4.969   -2.574  1.00 14.98 ? 20  LEU A CB  1 
ATOM   146 C  CG  . LEU A 1 21 ? 7.252   5.861   -2.246  1.00 27.03 ? 20  LEU A CG  1 
ATOM   147 C  CD1 . LEU A 1 21 ? 8.518   5.229   -2.784  1.00 25.03 ? 20  LEU A CD1 1 
ATOM   148 C  CD2 . LEU A 1 21 ? 6.998   7.208   -2.897  1.00 23.80 ? 20  LEU A CD2 1 
ATOM   149 N  N   . LEU A 1 22 ? 3.415   3.745   -2.770  1.00 15.65 ? 21  LEU A N   1 
ATOM   150 C  CA  . LEU A 1 22 ? 2.411   3.206   -3.612  1.00 16.81 ? 21  LEU A CA  1 
ATOM   151 C  C   . LEU A 1 22 ? 1.051   3.818   -3.327  1.00 14.60 ? 21  LEU A C   1 
ATOM   152 O  O   . LEU A 1 22 ? 0.382   4.209   -4.203  1.00 15.90 ? 21  LEU A O   1 
ATOM   153 C  CB  . LEU A 1 22 ? 2.423   1.708   -3.525  1.00 20.03 ? 21  LEU A CB  1 
ATOM   154 C  CG  . LEU A 1 22 ? 1.473   1.288   -4.584  1.00 27.24 ? 21  LEU A CG  1 
ATOM   155 C  CD1 . LEU A 1 22 ? 2.220   0.511   -5.623  1.00 23.69 ? 21  LEU A CD1 1 
ATOM   156 C  CD2 . LEU A 1 22 ? 0.283   0.629   -3.952  1.00 32.11 ? 21  LEU A CD2 1 
ATOM   157 N  N   . GLN A 1 23 ? 0.683   3.886   -2.076  1.00 15.13 ? 22  GLN A N   1 
ATOM   158 C  CA  . GLN A 1 23 ? -0.494  4.629   -1.642  1.00 16.44 ? 22  GLN A CA  1 
ATOM   159 C  C   . GLN A 1 23 ? -0.586  6.092   -2.164  1.00 21.02 ? 22  GLN A C   1 
ATOM   160 O  O   . GLN A 1 23 ? -1.634  6.541   -2.540  1.00 16.56 ? 22  GLN A O   1 
ATOM   161 C  CB  . GLN A 1 23 ? -0.634  4.605   -0.122  1.00 21.23 ? 22  GLN A CB  1 
ATOM   162 C  CG  . GLN A 1 23 ? -0.873  3.240   0.494   1.00 25.12 ? 22  GLN A CG  1 
ATOM   163 C  CD  . GLN A 1 23 ? -1.020  3.295   2.017   1.00 33.34 ? 22  GLN A CD  1 
ATOM   164 O  OE1 . GLN A 1 23 ? -2.088  3.224   2.529   1.00 38.15 ? 22  GLN A OE1 1 
ATOM   165 N  NE2 . GLN A 1 23 ? 0.046   3.482   2.699   1.00 32.29 ? 22  GLN A NE2 1 
ATOM   166 N  N   . LEU A 1 24 ? 0.533   6.783   -2.228  1.00 15.01 ? 23  LEU A N   1 
ATOM   167 C  CA  . LEU A 1 24 ? 0.558   8.134   -2.735  1.00 13.81 ? 23  LEU A CA  1 
ATOM   168 C  C   . LEU A 1 24 ? 0.324   8.185   -4.242  1.00 13.77 ? 23  LEU A C   1 
ATOM   169 O  O   . LEU A 1 24 ? -0.329  9.044   -4.703  1.00 13.90 ? 23  LEU A O   1 
ATOM   170 C  CB  . LEU A 1 24 ? 1.838   8.841   -2.399  1.00 15.06 ? 23  LEU A CB  1 
ATOM   171 C  CG  . LEU A 1 24 ? 1.965   9.405   -0.999  1.00 17.58 ? 23  LEU A CG  1 
ATOM   172 C  CD1 . LEU A 1 24 ? 3.407   9.715   -0.659  1.00 18.75 ? 23  LEU A CD1 1 
ATOM   173 C  CD2 . LEU A 1 24 ? 1.102   10.614  -0.833  1.00 18.46 ? 23  LEU A CD2 1 
ATOM   174 N  N   . THR A 1 25 ? 0.861   7.219   -4.977  1.00 12.19 ? 24  THR A N   1 
ATOM   175 C  CA  . THR A 1 25 ? 0.595   7.154   -6.394  1.00 10.38 ? 24  THR A CA  1 
ATOM   176 C  C   . THR A 1 25 ? -0.862  6.799   -6.657  1.00 9.26  ? 24  THR A C   1 
ATOM   177 O  O   . THR A 1 25 ? -1.452  7.283   -7.555  1.00 9.52  ? 24  THR A O   1 
ATOM   178 C  CB  . THR A 1 25 ? 1.581   6.231   -7.142  1.00 14.57 ? 24  THR A CB  1 
ATOM   179 O  OG1 . THR A 1 25 ? 1.380   4.897   -6.732  1.00 17.65 ? 24  THR A OG1 1 
ATOM   180 C  CG2 . THR A 1 25 ? 3.036   6.671   -6.903  1.00 9.47  ? 24  THR A CG2 1 
ATOM   181 N  N   . VAL A 1 26 ? -1.406  5.916   -5.840  1.00 10.65 ? 25  VAL A N   1 
ATOM   182 C  CA  . VAL A 1 26 ? -2.826  5.596   -5.975  1.00 9.11  ? 25  VAL A CA  1 
ATOM   183 C  C   . VAL A 1 26 ? -3.656  6.856   -5.787  1.00 13.17 ? 25  VAL A C   1 
ATOM   184 O  O   . VAL A 1 26 ? -4.591  7.111   -6.548  1.00 8.67  ? 25  VAL A O   1 
ATOM   185 C  CB  . VAL A 1 26 ? -3.265  4.472   -4.983  1.00 13.85 ? 25  VAL A CB  1 
ATOM   186 C  CG1 . VAL A 1 26 ? -4.799  4.345   -4.930  1.00 10.44 ? 25  VAL A CG1 1 
ATOM   187 C  CG2 . VAL A 1 26 ? -2.639  3.154   -5.396  1.00 12.54 ? 25  VAL A CG2 1 
ATOM   188 N  N   . TRP A 1 27 ? -3.283  7.676   -4.803  1.00 11.41 ? 26  TRP A N   1 
ATOM   189 C  CA  . TRP A 1 27 ? -4.048  8.880   -4.526  1.00 10.05 ? 26  TRP A CA  1 
ATOM   190 C  C   . TRP A 1 27 ? -3.988  9.805   -5.737  1.00 11.18 ? 26  TRP A C   1 
ATOM   191 O  O   . TRP A 1 27 ? -5.004  10.329  -6.158  1.00 11.10 ? 26  TRP A O   1 
ATOM   192 C  CB  . TRP A 1 27 ? -3.545  9.574   -3.256  1.00 9.32  ? 26  TRP A CB  1 
ATOM   193 C  CG  . TRP A 1 27 ? -4.280  10.868  -2.893  1.00 14.36 ? 26  TRP A CG  1 
ATOM   194 C  CD1 . TRP A 1 27 ? -5.379  10.987  -2.100  1.00 18.65 ? 26  TRP A CD1 1 
ATOM   195 C  CD2 . TRP A 1 27 ? -3.934  12.212  -3.298  1.00 12.28 ? 26  TRP A CD2 1 
ATOM   196 N  NE1 . TRP A 1 27 ? -5.756  12.315  -1.984  1.00 15.23 ? 26  TRP A NE1 1 
ATOM   197 C  CE2 . TRP A 1 27 ? -4.886  13.085  -2.716  1.00 15.84 ? 26  TRP A CE2 1 
ATOM   198 C  CE3 . TRP A 1 27 ? -2.922  12.757  -4.104  1.00 14.55 ? 26  TRP A CE3 1 
ATOM   199 C  CZ2 . TRP A 1 27 ? -4.859  14.471  -2.914  1.00 12.19 ? 26  TRP A CZ2 1 
ATOM   200 C  CZ3 . TRP A 1 27 ? -2.892  14.152  -4.301  1.00 10.72 ? 26  TRP A CZ3 1 
ATOM   201 C  CH2 . TRP A 1 27 ? -3.859  14.985  -3.711  1.00 9.86  ? 26  TRP A CH2 1 
ATOM   202 N  N   . GLY A 1 28 ? -2.808  9.944   -6.334  1.00 11.26 ? 27  GLY A N   1 
ATOM   203 C  CA  . GLY A 1 28 ? -2.639  10.829  -7.468  1.00 9.36  ? 27  GLY A CA  1 
ATOM   204 C  C   . GLY A 1 28 ? -3.434  10.356  -8.677  1.00 7.48  ? 27  GLY A C   1 
ATOM   205 O  O   . GLY A 1 28 ? -4.010  11.153  -9.380  1.00 9.67  ? 27  GLY A O   1 
ATOM   206 N  N   . ILE A 1 29 ? -3.444  9.056   -8.923  1.00 10.51 ? 28  ILE A N   1 
ATOM   207 C  CA  . ILE A 1 29 ? -4.164  8.498   -10.046 1.00 10.35 ? 28  ILE A CA  1 
ATOM   208 C  C   . ILE A 1 29 ? -5.656  8.686   -9.808  1.00 8.05  ? 28  ILE A C   1 
ATOM   209 O  O   . ILE A 1 29 ? -6.390  9.023   -10.722 1.00 7.55  ? 28  ILE A O   1 
ATOM   210 C  CB  . ILE A 1 29 ? -3.862  7.006   -10.175 1.00 11.85 ? 28  ILE A CB  1 
ATOM   211 C  CG1 . ILE A 1 29 ? -2.405  6.776   -10.619 1.00 9.21  ? 28  ILE A CG1 1 
ATOM   212 C  CG2 . ILE A 1 29 ? -4.905  6.336   -11.088 1.00 9.42  ? 28  ILE A CG2 1 
ATOM   213 C  CD1 . ILE A 1 29 ? -1.991  5.277   -10.546 1.00 8.68  ? 28  ILE A CD1 1 
ATOM   214 N  N   . LYS A 1 30 ? -6.111  8.460   -8.582  1.00 10.04 ? 29  LYS A N   1 
ATOM   215 C  CA  . LYS A 1 30 ? -7.524  8.756   -8.273  1.00 12.01 ? 29  LYS A CA  1 
ATOM   216 C  C   . LYS A 1 30 ? -7.889  10.214  -8.489  1.00 10.77 ? 29  LYS A C   1 
ATOM   217 O  O   . LYS A 1 30 ? -8.980  10.497  -9.009  1.00 8.86  ? 29  LYS A O   1 
ATOM   218 C  CB  . LYS A 1 30 ? -7.927  8.320   -6.860  1.00 10.46 ? 29  LYS A CB  1 
ATOM   219 C  CG  . LYS A 1 30 ? -8.024  6.792   -6.686  1.00 11.04 ? 29  LYS A CG  1 
ATOM   220 C  CD  . LYS A 1 30 ? -8.337  6.451   -5.221  1.00 16.62 ? 29  LYS A CD  1 
ATOM   221 C  CE  . LYS A 1 30 ? -8.487  4.929   -5.020  1.00 22.19 ? 29  LYS A CE  1 
ATOM   222 N  NZ  . LYS A 1 30 ? -8.564  4.525   -3.553  1.00 22.80 ? 29  LYS A NZ  1 
ATOM   223 N  N   . GLN A 1 31 ? -6.995  11.134  -8.113  1.00 8.84  ? 30  GLN A N   1 
ATOM   224 C  CA  . GLN A 1 31 ? -7.267  12.566  -8.336  1.00 8.25  ? 30  GLN A CA  1 
ATOM   225 C  C   . GLN A 1 31 ? -7.389  12.872  -9.826  1.00 8.43  ? 30  GLN A C   1 
ATOM   226 O  O   . GLN A 1 31 ? -8.273  13.623  -10.243 1.00 10.36 ? 30  GLN A O   1 
ATOM   227 C  CB  . GLN A 1 31 ? -6.161  13.444  -7.741  1.00 10.85 ? 30  GLN A CB  1 
ATOM   228 C  CG  . GLN A 1 31 ? -6.128  13.482  -6.218  1.00 9.26  ? 30  GLN A CG  1 
ATOM   229 C  CD  . GLN A 1 31 ? -7.185  14.388  -5.654  1.00 13.42 ? 30  GLN A CD  1 
ATOM   230 O  OE1 . GLN A 1 31 ? -7.266  15.577  -6.023  1.00 9.94  ? 30  GLN A OE1 1 
ATOM   231 N  NE2 . GLN A 1 31 ? -8.054  13.827  -4.805  1.00 10.83 ? 30  GLN A NE2 1 
ATOM   232 N  N   . LEU A 1 32 ? -6.505  12.293  -10.637 1.00 10.80 ? 31  LEU A N   1 
ATOM   233 C  CA  . LEU A 1 32 ? -6.606  12.432  -12.090 1.00 9.05  ? 31  LEU A CA  1 
ATOM   234 C  C   . LEU A 1 32 ? -7.939  11.937  -12.648 1.00 9.48  ? 31  LEU A C   1 
ATOM   235 O  O   . LEU A 1 32 ? -8.553  12.640  -13.448 1.00 11.68 ? 31  LEU A O   1 
ATOM   236 C  CB  . LEU A 1 32 ? -5.454  11.713  -12.791 1.00 11.53 ? 31  LEU A CB  1 
ATOM   237 C  CG  . LEU A 1 32 ? -4.088  12.348  -12.554 1.00 10.10 ? 31  LEU A CG  1 
ATOM   238 C  CD1 . LEU A 1 32 ? -3.059  11.613  -13.322 1.00 12.92 ? 31  LEU A CD1 1 
ATOM   239 C  CD2 . LEU A 1 32 ? -4.126  13.815  -12.966 1.00 15.67 ? 31  LEU A CD2 1 
ATOM   240 N  N   . GLN A 1 33 ? -8.399  10.753  -12.228 1.00 8.83  ? 32  GLN A N   1 
ATOM   241 C  CA  . GLN A 1 33 ? -9.728  10.249  -12.647 1.00 8.14  ? 32  GLN A CA  1 
ATOM   242 C  C   . GLN A 1 33 ? -10.783 11.263  -12.264 1.00 8.90  ? 32  GLN A C   1 
ATOM   243 O  O   . GLN A 1 33 ? -11.634 11.630  -13.079 1.00 11.50 ? 32  GLN A O   1 
ATOM   244 C  CB  . GLN A 1 33 ? -10.076 8.893   -11.974 1.00 9.74  ? 32  GLN A CB  1 
ATOM   245 C  CG  . GLN A 1 33 ? -9.053  7.763   -12.275 1.00 10.14 ? 32  GLN A CG  1 
ATOM   246 C  CD  . GLN A 1 33 ? -9.022  6.685   -11.223 1.00 13.09 ? 32  GLN A CD  1 
ATOM   247 O  OE1 . GLN A 1 33 ? -9.752  6.731   -10.228 1.00 14.88 ? 32  GLN A OE1 1 
ATOM   248 N  NE2 . GLN A 1 33 ? -8.172  5.686   -11.439 1.00 11.89 ? 32  GLN A NE2 1 
ATOM   249 N  N   . ALA A 1 34 ? -10.710 11.739  -11.022 1.00 6.64  ? 33  ALA A N   1 
ATOM   250 C  CA  . ALA A 1 34 ? -11.746 12.648  -10.503 1.00 9.74  ? 33  ALA A CA  1 
ATOM   251 C  C   . ALA A 1 34 ? -11.796 13.978  -11.247 1.00 9.03  ? 33  ALA A C   1 
ATOM   252 O  O   . ALA A 1 34 ? -12.871 14.535  -11.497 1.00 10.12 ? 33  ALA A O   1 
ATOM   253 C  CB  . ALA A 1 34 ? -11.544 12.882  -9.002  1.00 10.46 ? 33  ALA A CB  1 
ATOM   254 N  N   . ARG A 1 35 ? -10.630 14.501  -11.600 1.00 10.92 ? 34  ARG A N   1 
ATOM   255 C  CA  . ARG A 1 35 ? -10.538 15.839  -12.152 1.00 9.05  ? 34  ARG A CA  1 
ATOM   256 C  C   . ARG A 1 35 ? -10.791 15.872  -13.650 1.00 11.08 ? 34  ARG A C   1 
ATOM   257 O  O   . ARG A 1 35 ? -11.399 16.810  -14.140 1.00 12.78 ? 34  ARG A O   1 
ATOM   258 C  CB  . ARG A 1 35 ? -9.166  16.481  -11.827 1.00 6.87  ? 34  ARG A CB  1 
ATOM   259 C  CG  . ARG A 1 35 ? -8.988  16.830  -10.334 1.00 11.17 ? 34  ARG A CG  1 
ATOM   260 C  CD  . ARG A 1 35 ? -7.564  17.281  -9.987  1.00 10.58 ? 34  ARG A CD  1 
ATOM   261 N  NE  . ARG A 1 35 ? -7.200  18.507  -10.693 1.00 9.43  ? 34  ARG A NE  1 
ATOM   262 C  CZ  . ARG A 1 35 ? -6.081  19.204  -10.498 1.00 11.08 ? 34  ARG A CZ  1 
ATOM   263 N  NH1 . ARG A 1 35 ? -5.887  20.330  -11.184 1.00 10.90 ? 34  ARG A NH1 1 
ATOM   264 N  NH2 . ARG A 1 35 ? -5.159  18.787  -9.626  1.00 8.02  ? 34  ARG A NH2 1 
ATOM   265 N  N   . ILE A 1 36 ? -10.356 14.864  -14.345 1.00 10.88 ? 35  ILE A N   1 
ATOM   266 C  CA  . ILE A 1 36 ? -10.364 14.846  -15.808 1.00 10.86 ? 35  ILE A CA  1 
ATOM   267 C  C   . ILE A 1 36 ? -11.549 14.144  -16.492 1.00 15.95 ? 35  ILE A C   1 
ATOM   268 O  O   . ILE A 1 36 ? -12.060 14.608  -17.451 1.00 18.14 ? 35  ILE A O   1 
ATOM   269 C  CB  . ILE A 1 36 ? -9.035  14.311  -16.398 1.00 15.49 ? 35  ILE A CB  1 
ATOM   270 C  CG1 . ILE A 1 36 ? -7.840  15.119  -15.906 1.00 17.91 ? 35  ILE A CG1 1 
ATOM   271 C  CG2 . ILE A 1 36 ? -9.086  14.300  -17.918 1.00 22.24 ? 35  ILE A CG2 1 
ATOM   272 C  CD1 . ILE A 1 36 ? -6.506  14.449  -16.073 1.00 20.30 ? 35  ILE A CD1 1 
ATOM   273 N  N   . LEU A 1 37 ? -11.873 12.959  -16.049 1.00 13.42 ? 36  LEU A N   1 
ATOM   274 C  CA  . LEU A 1 37 ? -12.900 12.165  -16.663 1.00 11.40 ? 36  LEU A CA  1 
ATOM   275 C  C   . LEU A 1 37 ? -14.310 12.731  -16.450 1.00 18.16 ? 36  LEU A C   1 
ATOM   276 O  O   . LEU A 1 37 ? -14.637 13.151  -15.398 1.00 17.31 ? 36  LEU A O   1 
ATOM   277 C  CB  . LEU A 1 37 ? -12.827 10.773  -16.115 1.00 14.22 ? 36  LEU A CB  1 
ATOM   278 C  CG  . LEU A 1 37 ? -11.484 10.101  -16.277 1.00 11.87 ? 36  LEU A CG  1 
ATOM   279 C  CD1 . LEU A 1 37 ? -11.458 8.786   -15.542 1.00 7.56  ? 36  LEU A CD1 1 
ATOM   280 C  CD2 . LEU A 1 37 ? -11.074 9.998   -17.731 1.00 7.51  ? 36  LEU A CD2 1 
ATOM   281 N  N   . SER A 1 38 ? -15.123 12.692  -17.486 1.00 15.38 ? 37  SER A N   1 
ATOM   282 C  CA  . SER A 1 38 ? -16.437 13.316  -17.410 1.00 18.58 ? 37  SER A CA  1 
ATOM   283 C  C   . SER A 1 38 ? -17.257 12.658  -16.310 1.00 15.90 ? 37  SER A C   1 
ATOM   284 O  O   . SER A 1 38 ? -18.015 13.338  -15.599 1.00 20.23 ? 37  SER A O   1 
ATOM   285 C  CB  . SER A 1 38 ? -17.162 13.257  -18.769 1.00 12.50 ? 37  SER A CB  1 
ATOM   286 O  OG  . SER A 1 38 ? -17.413 11.923  -19.172 1.00 15.69 ? 37  SER A OG  1 
ATOM   287 N  N   . GLY A 1 39 ? -17.058 11.351  -16.125 1.00 14.79 ? 38  GLY A N   1 
ATOM   288 C  CA  . GLY A 1 39 ? -17.754 10.628  -15.071 1.00 16.25 ? 38  GLY A CA  1 
ATOM   289 C  C   . GLY A 1 39 ? -16.910 10.414  -13.825 1.00 13.97 ? 38  GLY A C   1 
ATOM   290 O  O   . GLY A 1 39 ? -17.240 9.566   -13.010 1.00 15.76 ? 38  GLY A O   1 
ATOM   291 N  N   . GLY A 1 40 ? -15.816 11.167  -13.696 1.00 20.79 ? 39  GLY A N   1 
ATOM   292 C  CA  . GLY A 1 40 ? -14.932 11.107  -12.531 1.00 15.57 ? 39  GLY A CA  1 
ATOM   293 C  C   . GLY A 1 40 ? -14.418 9.710   -12.236 1.00 12.75 ? 39  GLY A C   1 
ATOM   294 O  O   . GLY A 1 40 ? -13.907 9.028   -13.126 1.00 13.61 ? 39  GLY A O   1 
ATOM   295 N  N   A ARG A 1 41 ? -14.568 9.282   -10.987 0.53 11.88 ? 40  ARG A N   1 
ATOM   296 N  N   B ARG A 1 41 ? -14.625 9.247   -11.010 0.47 11.91 ? 40  ARG A N   1 
ATOM   297 C  CA  A ARG A 1 41 ? -14.121 7.956   -10.561 0.53 14.31 ? 40  ARG A CA  1 
ATOM   298 C  CA  B ARG A 1 41 ? -14.138 7.936   -10.613 0.47 14.32 ? 40  ARG A CA  1 
ATOM   299 C  C   A ARG A 1 41 ? -15.147 6.854   -10.888 0.53 12.46 ? 40  ARG A C   1 
ATOM   300 C  C   B ARG A 1 41 ? -15.116 6.820   -11.002 0.47 12.45 ? 40  ARG A C   1 
ATOM   301 O  O   A ARG A 1 41 ? -14.948 5.698   -10.539 0.53 14.49 ? 40  ARG A O   1 
ATOM   302 O  O   B ARG A 1 41 ? -14.955 5.743   -10.609 0.47 14.48 ? 40  ARG A O   1 
ATOM   303 C  CB  A ARG A 1 41 ? -13.781 7.952   -9.062  0.53 15.91 ? 40  ARG A CB  1 
ATOM   304 C  CB  B ARG A 1 41 ? -13.777 7.880   -9.135  0.47 15.91 ? 40  ARG A CB  1 
ATOM   305 C  CG  A ARG A 1 41 ? -12.746 9.000   -8.633  0.53 16.94 ? 40  ARG A CG  1 
ATOM   306 C  CG  B ARG A 1 41 ? -12.661 8.800   -8.740  0.47 16.87 ? 40  ARG A CG  1 
ATOM   307 C  CD  A ARG A 1 41 ? -11.759 8.444   -7.609  0.53 16.44 ? 40  ARG A CD  1 
ATOM   308 C  CD  B ARG A 1 41 ? -11.683 8.138   -7.842  0.47 17.69 ? 40  ARG A CD  1 
ATOM   309 N  NE  A ARG A 1 41 ? -11.089 7.260   -8.149  0.53 19.81 ? 40  ARG A NE  1 
ATOM   310 N  NE  B ARG A 1 41 ? -12.057 8.394   -6.498  0.47 15.85 ? 40  ARG A NE  1 
ATOM   311 C  CZ  A ARG A 1 41 ? -11.392 6.014   -7.805  0.53 11.85 ? 40  ARG A CZ  1 
ATOM   312 C  CZ  B ARG A 1 41 ? -12.496 7.485   -5.631  0.47 20.57 ? 40  ARG A CZ  1 
ATOM   313 N  NH1 A ARG A 1 41 ? -12.333 5.795   -6.911  0.53 21.88 ? 40  ARG A NH1 1 
ATOM   314 N  NH1 B ARG A 1 41 ? -12.651 6.243   -5.994  0.47 22.61 ? 40  ARG A NH1 1 
ATOM   315 N  NH2 A ARG A 1 41 ? -10.767 4.997   -8.359  0.53 9.70  ? 40  ARG A NH2 1 
ATOM   316 N  NH2 B ARG A 1 41 ? -12.787 7.842   -4.388  0.47 21.36 ? 40  ARG A NH2 1 
ATOM   317 N  N   . GLY A 1 42 ? -16.235 7.223   -11.562 1.00 11.44 ? 41  GLY A N   1 
ATOM   318 C  CA  . GLY A 1 42 ? -17.291 6.280   -11.907 1.00 10.09 ? 41  GLY A CA  1 
ATOM   319 C  C   . GLY A 1 42 ? -16.758 5.159   -12.799 1.00 9.12  ? 41  GLY A C   1 
ATOM   320 O  O   . GLY A 1 42 ? -16.014 5.435   -13.732 1.00 9.19  ? 41  GLY A O   1 
ATOM   321 N  N   . GLY A 1 43 ? -17.121 3.907   -12.503 1.00 10.77 ? 42  GLY A N   1 
ATOM   322 C  CA  . GLY A 1 43 ? -16.651 2.760   -13.263 1.00 11.88 ? 42  GLY A CA  1 
ATOM   323 C  C   . GLY A 1 43 ? -15.303 2.206   -12.833 1.00 11.74 ? 42  GLY A C   1 
ATOM   324 O  O   . GLY A 1 43 ? -14.850 1.199   -13.365 1.00 12.51 ? 42  GLY A O   1 
ATOM   325 N  N   . TRP A 1 44 ? -14.663 2.857   -11.867 1.00 11.17 ? 43  TRP A N   1 
ATOM   326 C  CA  . TRP A 1 44 ? -13.378 2.407   -11.354 1.00 16.13 ? 43  TRP A CA  1 
ATOM   327 C  C   . TRP A 1 44 ? -13.509 1.571   -10.099 1.00 18.66 ? 43  TRP A C   1 
ATOM   328 O  O   . TRP A 1 44 ? -12.510 1.284   -9.450  1.00 9.63  ? 43  TRP A O   1 
ATOM   329 C  CB  . TRP A 1 44 ? -12.495 3.614   -11.009 1.00 12.70 ? 43  TRP A CB  1 
ATOM   330 C  CG  . TRP A 1 44 ? -11.930 4.309   -12.223 1.00 9.34  ? 43  TRP A CG  1 
ATOM   331 C  CD1 . TRP A 1 44 ? -12.515 5.336   -12.937 1.00 6.60  ? 43  TRP A CD1 1 
ATOM   332 C  CD2 . TRP A 1 44 ? -10.685 4.019   -12.887 1.00 7.50  ? 43  TRP A CD2 1 
ATOM   333 N  NE1 . TRP A 1 44 ? -11.691 5.716   -13.970 1.00 8.81  ? 43  TRP A NE1 1 
ATOM   334 C  CE2 . TRP A 1 44 ? -10.575 4.915   -13.979 1.00 12.40 ? 43  TRP A CE2 1 
ATOM   335 C  CE3 . TRP A 1 44 ? -9.652  3.092   -12.661 1.00 9.34  ? 43  TRP A CE3 1 
ATOM   336 C  CZ2 . TRP A 1 44 ? -9.457  4.933   -14.833 1.00 9.89  ? 43  TRP A CZ2 1 
ATOM   337 C  CZ3 . TRP A 1 44 ? -8.540  3.106   -13.524 1.00 10.26 ? 43  TRP A CZ3 1 
ATOM   338 C  CH2 . TRP A 1 44 ? -8.453  4.030   -14.582 1.00 10.40 ? 43  TRP A CH2 1 
ATOM   339 N  N   . GLU A 1 45 ? -14.721 1.205   -9.750  1.00 20.57 ? 44  GLU A N   1 
ATOM   340 C  CA  . GLU A 1 45 ? -14.975 0.628   -8.449  1.00 23.88 ? 44  GLU A CA  1 
ATOM   341 C  C   . GLU A 1 45 ? -14.213 -0.650  -8.238  1.00 21.93 ? 44  GLU A C   1 
ATOM   342 O  O   . GLU A 1 45 ? -13.674 -0.854  -7.181  1.00 24.40 ? 44  GLU A O   1 
ATOM   343 C  CB  . GLU A 1 45 ? -16.474 0.453   -8.187  1.00 17.97 ? 44  GLU A CB  1 
ATOM   344 C  CG  . GLU A 1 45 ? -17.161 1.779   -8.069  1.00 26.66 ? 44  GLU A CG  1 
ATOM   345 C  CD  . GLU A 1 45 ? -17.584 2.373   -9.417  1.00 21.35 ? 44  GLU A CD  1 
ATOM   346 O  OE1 . GLU A 1 45 ? -17.377 1.764   -10.410 1.00 19.85 ? 44  GLU A OE1 1 
ATOM   347 O  OE2 . GLU A 1 45 ? -18.133 3.431   -9.441  1.00 26.30 ? 44  GLU A OE2 1 
ATOM   348 N  N   . GLU A 1 46 ? -14.168 -1.504  -9.262  1.00 19.54 ? 45  GLU A N   1 
ATOM   349 C  CA  . GLU A 1 46 ? -13.492 -2.800  -9.169  1.00 19.60 ? 45  GLU A CA  1 
ATOM   350 C  C   . GLU A 1 46 ? -11.974 -2.679  -9.101  1.00 26.18 ? 45  GLU A C   1 
ATOM   351 O  O   . GLU A 1 46 ? -11.296 -3.458  -8.477  1.00 20.18 ? 45  GLU A O   1 
ATOM   352 C  CB  . GLU A 1 46 ? -13.774 -3.778  -10.290 1.00 19.12 ? 45  GLU A CB  1 
ATOM   353 C  CG  . GLU A 1 46 ? -15.138 -3.864  -10.906 1.00 26.66 ? 45  GLU A CG  1 
ATOM   354 C  CD  . GLU A 1 46 ? -16.284 -3.884  -9.948  1.00 37.95 ? 45  GLU A CD  1 
ATOM   355 O  OE1 . GLU A 1 46 ? -17.345 -3.230  -10.236 1.00 41.06 ? 45  GLU A OE1 1 
ATOM   356 O  OE2 . GLU A 1 46 ? -16.147 -4.556  -8.943  1.00 32.22 ? 45  GLU A OE2 1 
ATOM   357 N  N   . TRP A 1 47 ? -11.449 -1.725  -9.823  1.00 14.91 ? 46  TRP A N   1 
ATOM   358 C  CA  . TRP A 1 47 ? -10.038 -1.445  -9.720  1.00 8.67  ? 46  TRP A CA  1 
ATOM   359 C  C   . TRP A 1 47 ? -9.737  -0.996  -8.281  1.00 11.43 ? 46  TRP A C   1 
ATOM   360 O  O   . TRP A 1 47 ? -8.773  -1.476  -7.670  1.00 15.39 ? 46  TRP A O   1 
ATOM   361 C  CB  . TRP A 1 47 ? -9.654  -0.416  -10.777 1.00 12.25 ? 46  TRP A CB  1 
ATOM   362 C  CG  . TRP A 1 47 ? -8.206  0.085   -10.731 1.00 8.82  ? 46  TRP A CG  1 
ATOM   363 C  CD1 . TRP A 1 47 ? -7.108  -0.489  -11.314 1.00 10.17 ? 46  TRP A CD1 1 
ATOM   364 C  CD2 . TRP A 1 47 ? -7.757  1.279   -10.108 1.00 11.12 ? 46  TRP A CD2 1 
ATOM   365 N  NE1 . TRP A 1 47 ? -5.994  0.294   -11.092 1.00 12.51 ? 46  TRP A NE1 1 
ATOM   366 C  CE2 . TRP A 1 47 ? -6.372  1.387   -10.350 1.00 11.56 ? 46  TRP A CE2 1 
ATOM   367 C  CE3 . TRP A 1 47 ? -8.396  2.288   -9.374  1.00 9.16  ? 46  TRP A CE3 1 
ATOM   368 C  CZ2 . TRP A 1 47 ? -5.619  2.444   -9.870  1.00 11.33 ? 46  TRP A CZ2 1 
ATOM   369 C  CZ3 . TRP A 1 47 ? -7.639  3.339   -8.899  1.00 10.95 ? 46  TRP A CZ3 1 
ATOM   370 C  CH2 . TRP A 1 47 ? -6.265  3.408   -9.138  1.00 9.39  ? 46  TRP A CH2 1 
ATOM   371 N  N   . ASP A 1 48 ? -10.599 -0.146  -7.715  1.00 14.89 ? 47  ASP A N   1 
ATOM   372 C  CA  . ASP A 1 48 ? -10.444 0.299   -6.325  1.00 17.40 ? 47  ASP A CA  1 
ATOM   373 C  C   . ASP A 1 48 ? -10.425 -0.889  -5.363  1.00 19.87 ? 47  ASP A C   1 
ATOM   374 O  O   . ASP A 1 48 ? -9.631  -0.920  -4.421  1.00 13.26 ? 47  ASP A O   1 
ATOM   375 C  CB  . ASP A 1 48 ? -11.599 1.207   -5.903  1.00 18.48 ? 47  ASP A CB  1 
ATOM   376 C  CG  . ASP A 1 48 ? -11.561 2.587   -6.557  1.00 25.67 ? 47  ASP A CG  1 
ATOM   377 O  OD1 . ASP A 1 48 ? -10.530 2.984   -7.171  1.00 18.11 ? 47  ASP A OD1 1 
ATOM   378 O  OD2 . ASP A 1 48 ? -12.585 3.294   -6.405  1.00 16.95 ? 47  ASP A OD2 1 
ATOM   379 N  N   . LYS A 1 49 ? -11.303 -1.866  -5.591  1.00 13.58 ? 48  LYS A N   1 
ATOM   380 C  CA  . LYS A 1 49 ? -11.390 -3.028  -4.701  1.00 21.09 ? 48  LYS A CA  1 
ATOM   381 C  C   . LYS A 1 49 ? -10.137 -3.896  -4.752  1.00 19.72 ? 48  LYS A C   1 
ATOM   382 O  O   . LYS A 1 49 ? -9.693  -4.423  -3.736  1.00 17.61 ? 48  LYS A O   1 
ATOM   383 C  CB  . LYS A 1 49 ? -12.572 -3.914  -5.074  1.00 25.61 ? 48  LYS A CB  1 
ATOM   384 C  CG  . LYS A 1 49 ? -13.936 -3.373  -4.742  1.00 23.16 ? 48  LYS A CG  1 
ATOM   385 C  CD  . LYS A 1 49 ? -14.945 -4.094  -5.628  1.00 33.51 ? 48  LYS A CD  1 
ATOM   386 C  CE  . LYS A 1 49 ? -16.367 -3.851  -5.204  1.00 31.19 ? 48  LYS A CE  1 
ATOM   387 N  NZ  . LYS A 1 49 ? -17.274 -4.762  -5.954  1.00 31.50 ? 48  LYS A NZ  1 
ATOM   388 N  N   . LYS A 1 50 ? -9.596  -4.073  -5.946  1.00 17.29 ? 49  LYS A N   1 
ATOM   389 C  CA  . LYS A 1 50 ? -8.376  -4.850  -6.113  1.00 16.60 ? 49  LYS A CA  1 
ATOM   390 C  C   . LYS A 1 50 ? -7.219  -4.149  -5.414  1.00 20.17 ? 49  LYS A C   1 
ATOM   391 O  O   . LYS A 1 50 ? -6.454  -4.786  -4.726  1.00 14.26 ? 49  LYS A O   1 
ATOM   392 C  CB  . LYS A 1 50 ? -8.038  -5.033  -7.589  1.00 19.56 ? 49  LYS A CB  1 
ATOM   393 C  CG  . LYS A 1 50 ? -8.666  -6.233  -8.264  1.00 22.81 ? 49  LYS A CG  1 
ATOM   394 C  CD  . LYS A 1 50 ? -8.376  -6.175  -9.778  1.00 24.62 ? 49  LYS A CD  1 
ATOM   395 C  CE  . LYS A 1 50 ? -8.574  -7.526  -10.471 1.00 40.20 ? 49  LYS A CE  1 
ATOM   396 N  NZ  . LYS A 1 50 ? -8.214  -7.428  -11.934 1.00 26.26 ? 49  LYS A NZ  1 
ATOM   397 N  N   . ILE A 1 51 ? -7.098  -2.838  -5.609  1.00 15.95 ? 50  ILE A N   1 
ATOM   398 C  CA  . ILE A 1 51 ? -6.089  -2.024  -4.904  1.00 18.46 ? 50  ILE A CA  1 
ATOM   399 C  C   . ILE A 1 51 ? -6.220  -2.179  -3.379  1.00 22.07 ? 50  ILE A C   1 
ATOM   400 O  O   . ILE A 1 51 ? -5.250  -2.467  -2.679  1.00 19.90 ? 50  ILE A O   1 
ATOM   401 C  CB  . ILE A 1 51 ? -6.229  -0.525  -5.269  1.00 13.60 ? 50  ILE A CB  1 
ATOM   402 C  CG1 . ILE A 1 51 ? -6.025  -0.291  -6.778  1.00 21.04 ? 50  ILE A CG1 1 
ATOM   403 C  CG2 . ILE A 1 51 ? -5.291  0.365   -4.410  1.00 10.96 ? 50  ILE A CG2 1 
ATOM   404 C  CD1 . ILE A 1 51 ? -4.615  -0.407  -7.253  1.00 25.36 ? 50  ILE A CD1 1 
ATOM   405 N  N   . GLU A 1 52 ? -7.437  -2.012  -2.878  1.00 19.44 ? 51  GLU A N   1 
ATOM   406 C  CA  . GLU A 1 52 ? -7.702  -2.081  -1.442  1.00 15.83 ? 51  GLU A CA  1 
ATOM   407 C  C   . GLU A 1 52 ? -7.396  -3.463  -0.841  1.00 19.30 ? 51  GLU A C   1 
ATOM   408 O  O   . GLU A 1 52 ? -6.827  -3.567  0.243   1.00 17.55 ? 51  GLU A O   1 
ATOM   409 C  CB  . GLU A 1 52 ? -9.135  -1.636  -1.160  1.00 15.97 ? 51  GLU A CB  1 
ATOM   410 C  CG  . GLU A 1 52 ? -9.282  -0.133  -1.269  1.00 21.92 ? 51  GLU A CG  1 
ATOM   411 C  CD  . GLU A 1 52 ? -10.661 0.330   -1.753  1.00 27.67 ? 51  GLU A CD  1 
ATOM   412 O  OE1 . GLU A 1 52 ? -10.737 1.473   -2.249  1.00 27.87 ? 51  GLU A OE1 1 
ATOM   413 O  OE2 . GLU A 1 52 ? -11.656 -0.424  -1.646  1.00 24.29 ? 51  GLU A OE2 1 
ATOM   414 N  N   . GLU A 1 53 ? -7.732  -4.498  -1.544  1.00 13.87 ? 52  GLU A N   1 
ATOM   415 C  CA  . GLU A 1 53 ? -7.396  -5.814  -1.122  1.00 21.26 ? 52  GLU A CA  1 
ATOM   416 C  C   . GLU A 1 53 ? -5.860  -6.031  -1.000  1.00 25.83 ? 52  GLU A C   1 
ATOM   417 O  O   . GLU A 1 53 ? -5.389  -6.603  -0.064  1.00 28.01 ? 52  GLU A O   1 
ATOM   418 C  CB  . GLU A 1 53 ? -8.027  -6.805  -2.084  1.00 23.35 ? 52  GLU A CB  1 
ATOM   419 C  CG  . GLU A 1 53 ? -7.792  -8.260  -1.852  1.00 37.91 ? 52  GLU A CG  1 
ATOM   420 C  CD  . GLU A 1 53 ? -8.827  -9.104  -2.589  1.00 61.90 ? 52  GLU A CD  1 
ATOM   421 O  OE1 . GLU A 1 53 ? -9.750  -9.614  -1.916  1.00 65.41 ? 52  GLU A OE1 1 
ATOM   422 O  OE2 . GLU A 1 53 ? -8.763  -9.172  -3.829  1.00 52.27 ? 52  GLU A OE2 1 
ATOM   423 N  N   . LEU A 1 54 ? -5.107  -5.566  -1.946  1.00 17.19 ? 53  LEU A N   1 
ATOM   424 C  CA  . LEU A 1 54 ? -3.654  -5.760  -1.876  1.00 21.73 ? 53  LEU A CA  1 
ATOM   425 C  C   . LEU A 1 54 ? -2.972  -4.851  -0.861  1.00 20.21 ? 53  LEU A C   1 
ATOM   426 O  O   . LEU A 1 54 ? -1.958  -5.230  -0.289  1.00 24.71 ? 53  LEU A O   1 
ATOM   427 C  CB  . LEU A 1 54 ? -2.994  -5.608  -3.250  1.00 22.88 ? 53  LEU A CB  1 
ATOM   428 C  CG  . LEU A 1 54 ? -3.264  -6.694  -4.304  1.00 26.85 ? 53  LEU A CG  1 
ATOM   429 C  CD1 . LEU A 1 54 ? -2.988  -6.167  -5.722  1.00 27.30 ? 53  LEU A CD1 1 
ATOM   430 C  CD2 . LEU A 1 54 ? -2.449  -7.953  -4.051  1.00 29.01 ? 53  LEU A CD2 1 
ATOM   431 N  N   . ILE A 1 55 ? -3.515  -3.656  -0.632  1.00 20.05 ? 54  ILE A N   1 
ATOM   432 C  CA  . ILE A 1 55 ? -2.974  -2.787  0.425   1.00 18.56 ? 54  ILE A CA  1 
ATOM   433 C  C   . ILE A 1 55 ? -3.162  -3.426  1.800   1.00 20.45 ? 54  ILE A C   1 
ATOM   434 O  O   . ILE A 1 55 ? -2.224  -3.511  2.590   1.00 19.20 ? 54  ILE A O   1 
ATOM   435 C  CB  . ILE A 1 55 ? -3.549  -1.361  0.343   1.00 14.90 ? 54  ILE A CB  1 
ATOM   436 C  CG1 . ILE A 1 55 ? -2.914  -0.666  -0.860  1.00 19.68 ? 54  ILE A CG1 1 
ATOM   437 C  CG2 . ILE A 1 55 ? -3.279  -0.583  1.641   1.00 19.55 ? 54  ILE A CG2 1 
ATOM   438 C  CD1 . ILE A 1 55 ? -3.576  0.641   -1.281  1.00 28.48 ? 54  ILE A CD1 1 
ATOM   439 N  N   . LYS A 1 56 ? -4.367  -3.918  2.057   1.00 22.46 ? 55  LYS A N   1 
ATOM   440 C  CA  . LYS A 1 56 ? -4.658  -4.636  3.282   1.00 20.51 ? 55  LYS A CA  1 
ATOM   441 C  C   . LYS A 1 56 ? -3.739  -5.850  3.488   1.00 24.84 ? 55  LYS A C   1 
ATOM   442 O  O   . LYS A 1 56 ? -3.207  -6.038  4.582   1.00 24.44 ? 55  LYS A O   1 
ATOM   443 C  CB  . LYS A 1 56 ? -6.114  -5.072  3.278   1.00 26.27 ? 55  LYS A CB  1 
ATOM   444 C  CG  . LYS A 1 56 ? -6.602  -5.571  4.602   1.00 41.37 ? 55  LYS A CG  1 
ATOM   445 C  CD  . LYS A 1 56 ? -7.508  -6.767  4.410   1.00 46.99 ? 55  LYS A CD  1 
ATOM   446 C  CE  . LYS A 1 56 ? -8.383  -6.991  5.637   1.00 67.52 ? 55  LYS A CE  1 
ATOM   447 N  NZ  . LYS A 1 56 ? -7.628  -6.796  6.914   1.00 59.93 ? 55  LYS A NZ  1 
ATOM   448 N  N   . LYS A 1 57 ? -3.591  -6.671  2.472   1.00 18.15 ? 56  LYS A N   1 
ATOM   449 C  CA  . LYS A 1 57 ? -2.721  -7.799  2.523   1.00 19.69 ? 56  LYS A CA  1 
ATOM   450 C  C   . LYS A 1 57 ? -1.257  -7.409  2.875   1.00 30.21 ? 56  LYS A C   1 
ATOM   451 O  O   . LYS A 1 57 ? -0.675  -7.916  3.798   1.00 28.41 ? 56  LYS A O   1 
ATOM   452 C  CB  . LYS A 1 57 ? -2.787  -8.502  1.206   1.00 23.04 ? 56  LYS A CB  1 
ATOM   453 C  CG  . LYS A 1 57 ? -1.782  -9.576  1.029   1.00 37.37 ? 56  LYS A CG  1 
ATOM   454 C  CD  . LYS A 1 57 ? -2.279  -10.490 -0.040  1.00 40.85 ? 56  LYS A CD  1 
ATOM   455 C  CE  . LYS A 1 57 ? -1.312  -11.602 -0.296  1.00 65.13 ? 56  LYS A CE  1 
ATOM   456 N  NZ  . LYS A 1 57 ? -2.048  -12.670 -1.021  1.00 76.44 ? 56  LYS A NZ  1 
ATOM   457 N  N   . SER A 1 58 ? -0.735  -6.447  2.144   1.00 25.87 ? 57  SER A N   1 
ATOM   458 C  CA  . SER A 1 58 ? 0.530   -5.775  2.433   1.00 21.57 ? 57  SER A CA  1 
ATOM   459 C  C   . SER A 1 58 ? 0.649   -5.265  3.880   1.00 25.97 ? 57  SER A C   1 
ATOM   460 O  O   . SER A 1 58 ? 1.641   -5.532  4.559   1.00 25.14 ? 57  SER A O   1 
ATOM   461 C  CB  . SER A 1 58 ? 0.738   -4.618  1.440   1.00 29.44 ? 57  SER A CB  1 
ATOM   462 O  OG  . SER A 1 58 ? 1.852   -3.812  1.801   1.00 32.75 ? 57  SER A OG  1 
ATOM   463 N  N   . GLU A 1 59 ? -0.353  -4.527  4.348   1.00 21.70 ? 58  GLU A N   1 
ATOM   464 C  CA  . GLU A 1 59 ? -0.324  -4.002  5.710   1.00 26.97 ? 58  GLU A CA  1 
ATOM   465 C  C   . GLU A 1 59 ? -0.214  -5.073  6.792   1.00 25.85 ? 58  GLU A C   1 
ATOM   466 O  O   . GLU A 1 59 ? 0.524   -4.911  7.767   1.00 31.12 ? 58  GLU A O   1 
ATOM   467 C  CB  . GLU A 1 59 ? -1.551  -3.141  5.970   1.00 26.72 ? 58  GLU A CB  1 
ATOM   468 C  CG  . GLU A 1 59 ? -1.414  -1.741  5.440   1.00 27.44 ? 58  GLU A CG  1 
ATOM   469 C  CD  . GLU A 1 59 ? -2.724  -0.984  5.433   1.00 38.47 ? 58  GLU A CD  1 
ATOM   470 O  OE1 . GLU A 1 59 ? -3.784  -1.595  5.717   1.00 39.78 ? 58  GLU A OE1 1 
ATOM   471 O  OE2 . GLU A 1 59 ? -2.690  0.231   5.145   1.00 48.62 ? 58  GLU A OE2 1 
ATOM   472 N  N   . GLU A 1 60 ? -0.945  -6.165  6.622   1.00 26.17 ? 59  GLU A N   1 
ATOM   473 C  CA  . GLU A 1 60 ? -0.898  -7.266  7.574   1.00 28.15 ? 59  GLU A CA  1 
ATOM   474 C  C   . GLU A 1 60 ? 0.449   -7.965  7.562   1.00 33.98 ? 59  GLU A C   1 
ATOM   475 O  O   . GLU A 1 60 ? 0.995   -8.297  8.617   1.00 35.55 ? 59  GLU A O   1 
ATOM   476 C  CB  . GLU A 1 60 ? -1.991  -8.277  7.267   1.00 30.63 ? 59  GLU A CB  1 
ATOM   477 C  CG  . GLU A 1 60 ? -3.379  -7.679  7.298   1.00 42.95 ? 59  GLU A CG  1 
ATOM   478 C  CD  . GLU A 1 60 ? -4.418  -8.607  6.724   1.00 48.43 ? 59  GLU A CD  1 
ATOM   479 O  OE1 . GLU A 1 60 ? -4.036  -9.554  6.000   1.00 57.50 ? 59  GLU A OE1 1 
ATOM   480 O  OE2 . GLU A 1 60 ? -5.616  -8.386  7.002   1.00 53.37 ? 59  GLU A OE2 1 
ATOM   481 N  N   . LEU A 1 61 ? 0.981   -8.215  6.371   1.00 24.46 ? 60  LEU A N   1 
ATOM   482 C  CA  . LEU A 1 61 ? 2.289   -8.850  6.272   1.00 21.76 ? 60  LEU A CA  1 
ATOM   483 C  C   . LEU A 1 61 ? 3.339   -7.991  6.972   1.00 28.11 ? 60  LEU A C   1 
ATOM   484 O  O   . LEU A 1 61 ? 4.172   -8.509  7.706   1.00 33.01 ? 60  LEU A O   1 
ATOM   485 C  CB  . LEU A 1 61 ? 2.660   -9.092  4.809   1.00 20.27 ? 60  LEU A CB  1 
ATOM   486 C  CG  . LEU A 1 61 ? 1.845   -10.203 4.168   1.00 24.17 ? 60  LEU A CG  1 
ATOM   487 C  CD1 . LEU A 1 61 ? 2.099   -10.256 2.665   1.00 25.60 ? 60  LEU A CD1 1 
ATOM   488 C  CD2 . LEU A 1 61 ? 2.170   -11.544 4.836   1.00 32.43 ? 60  LEU A CD2 1 
ATOM   489 N  N   . ILE A 1 62 ? 3.280   -6.680  6.749   1.00 25.97 ? 61  ILE A N   1 
ATOM   490 C  CA  . ILE A 1 62 ? 4.170   -5.755  7.443   1.00 27.30 ? 61  ILE A CA  1 
ATOM   491 C  C   . ILE A 1 62 ? 4.056   -5.947  8.952   1.00 32.25 ? 61  ILE A C   1 
ATOM   492 O  O   . ILE A 1 62 ? 5.062   -6.187  9.626   1.00 33.95 ? 61  ILE A O   1 
ATOM   493 C  CB  . ILE A 1 62 ? 3.887   -4.283  7.058   1.00 27.74 ? 61  ILE A CB  1 
ATOM   494 C  CG1 . ILE A 1 62 ? 4.446   -3.985  5.665   1.00 28.48 ? 61  ILE A CG1 1 
ATOM   495 C  CG2 . ILE A 1 62 ? 4.498   -3.336  8.076   1.00 32.85 ? 61  ILE A CG2 1 
ATOM   496 C  CD1 . ILE A 1 62 ? 3.803   -2.781  4.975   1.00 27.74 ? 61  ILE A CD1 1 
ATOM   497 N  N   . LYS A 1 63 ? 2.844   -5.861  9.459   1.00 28.54 ? 62  LYS A N   1 
ATOM   498 C  CA  . LYS A 1 63 ? 2.581   -6.078  10.872  1.00 35.19 ? 62  LYS A CA  1 
ATOM   499 C  C   . LYS A 1 63 ? 3.109   -7.435  11.336  1.00 38.18 ? 62  LYS A C   1 
ATOM   500 O  O   . LYS A 1 63 ? 3.737   -7.546  12.346  1.00 34.01 ? 62  LYS A O   1 
ATOM   501 C  CB  . LYS A 1 63 ? 1.088   -5.947  11.177  1.00 27.24 ? 62  LYS A CB  1 
ATOM   502 C  CG  . LYS A 1 63 ? 0.590   -4.518  11.152  1.00 41.38 ? 62  LYS A CG  1 
ATOM   503 C  CD  . LYS A 1 63 ? -0.909  -4.347  11.412  1.00 51.38 ? 62  LYS A CD  1 
ATOM   504 C  CE  . LYS A 1 63 ? -1.541  -3.256  10.538  1.00 60.32 ? 62  LYS A CE  1 
ATOM   505 N  NZ  . LYS A 1 63 ? -2.896  -3.634  10.066  1.00 52.65 ? 62  LYS A NZ  1 
ATOM   506 N  N   . LYS A 1 64 ? 2.837   -8.452  10.575  1.00 29.08 ? 63  LYS A N   1 
ATOM   507 C  CA  . LYS A 1 64 ? 3.344   -9.761  10.852  1.00 30.82 ? 63  LYS A CA  1 
ATOM   508 C  C   . LYS A 1 64 ? 4.847   -9.797  10.948  1.00 33.23 ? 63  LYS A C   1 
ATOM   509 O  O   . LYS A 1 64 ? 5.379   -10.371 11.836  1.00 37.79 ? 63  LYS A O   1 
ATOM   510 C  CB  . LYS A 1 64 ? 2.890   -10.689 9.800   1.00 29.77 ? 63  LYS A CB  1 
ATOM   511 C  CG  . LYS A 1 64 ? 1.771   -11.585 10.222  1.00 31.94 ? 63  LYS A CG  1 
ATOM   512 C  CD  . LYS A 1 64 ? 1.518   -12.594 9.154   1.00 39.48 ? 63  LYS A CD  1 
ATOM   513 C  CE  . LYS A 1 64 ? 2.766   -13.415 8.949   1.00 47.38 ? 63  LYS A CE  1 
ATOM   514 N  NZ  . LYS A 1 64 ? 2.807   -14.546 9.932   1.00 65.80 ? 63  LYS A NZ  1 
ATOM   515 N  N   . ILE A 1 65 ? 5.529   -9.182  10.010  1.00 34.50 ? 64  ILE A N   1 
ATOM   516 C  CA  . ILE A 1 65 ? 6.986   -9.111  10.069  1.00 33.64 ? 64  ILE A CA  1 
ATOM   517 C  C   . ILE A 1 65 ? 7.462   -8.373  11.331  1.00 38.04 ? 64  ILE A C   1 
ATOM   518 O  O   . ILE A 1 65 ? 8.348   -8.865  12.043  1.00 35.78 ? 64  ILE A O   1 
ATOM   519 C  CB  . ILE A 1 65 ? 7.568   -8.476  8.783   1.00 37.13 ? 64  ILE A CB  1 
ATOM   520 C  CG1 . ILE A 1 65 ? 7.171   -9.313  7.558   1.00 37.58 ? 64  ILE A CG1 1 
ATOM   521 C  CG2 . ILE A 1 65 ? 9.081   -8.366  8.875   1.00 39.78 ? 64  ILE A CG2 1 
ATOM   522 C  CD1 . ILE A 1 65 ? 7.190   -8.538  6.238   1.00 30.06 ? 64  ILE A CD1 1 
ATOM   523 N  N   . GLU A 1 66 ? 6.856   -7.247  11.645  1.00 36.01 ? 65  GLU A N   1 
ATOM   524 C  CA  . GLU A 1 66 ? 7.212   -6.484  12.818  1.00 37.34 ? 65  GLU A CA  1 
ATOM   525 C  C   . GLU A 1 66 ? 7.106   -7.326  14.091  1.00 42.71 ? 65  GLU A C   1 
ATOM   526 O  O   . GLU A 1 66 ? 7.979   -7.293  14.947  1.00 39.01 ? 65  GLU A O   1 
ATOM   527 C  CB  . GLU A 1 66 ? 6.284   -5.293  12.993  1.00 37.00 ? 65  GLU A CB  1 
ATOM   528 C  CG  . GLU A 1 66 ? 6.526   -4.122  12.099  1.00 39.62 ? 65  GLU A CG  1 
ATOM   529 C  CD  . GLU A 1 66 ? 5.409   -3.071  12.152  1.00 49.29 ? 65  GLU A CD  1 
ATOM   530 O  OE1 . GLU A 1 66 ? 5.723   -1.922  11.909  1.00 47.03 ? 65  GLU A OE1 1 
ATOM   531 O  OE2 . GLU A 1 66 ? 4.254   -3.367  12.486  1.00 42.87 ? 65  GLU A OE2 1 
ATOM   532 N  N   . GLU A 1 67 ? 6.044   -8.076  14.202  1.00 34.00 ? 66  GLU A N   1 
ATOM   533 C  CA  . GLU A 1 67 ? 5.843   -8.901  15.354  1.00 39.55 ? 66  GLU A CA  1 
ATOM   534 C  C   . GLU A 1 67 ? 6.925   -9.957  15.469  1.00 47.17 ? 66  GLU A C   1 
ATOM   535 O  O   . GLU A 1 67 ? 7.577   -10.090 16.481  1.00 43.82 ? 66  GLU A O   1 
ATOM   536 C  CB  . GLU A 1 67 ? 4.476   -9.540  15.283  1.00 43.15 ? 66  GLU A CB  1 
ATOM   537 C  CG  . GLU A 1 67 ? 3.378   -8.476  15.315  1.00 60.87 ? 66  GLU A CG  1 
ATOM   538 C  CD  . GLU A 1 67 ? 1.968   -9.006  15.515  1.00 75.18 ? 66  GLU A CD  1 
ATOM   539 O  OE1 . GLU A 1 67 ? 1.670   -10.063 14.952  1.00 72.06 ? 66  GLU A OE1 1 
ATOM   540 O  OE2 . GLU A 1 67 ? 1.137   -8.338  16.221  1.00 71.23 ? 66  GLU A OE2 1 
ATOM   541 N  N   . GLN A 1 68 ? 7.112   -10.702 14.407  1.00 35.38 ? 67  GLN A N   1 
ATOM   542 C  CA  . GLN A 1 68 ? 8.109   -11.752 14.430  1.00 36.72 ? 67  GLN A CA  1 
ATOM   543 C  C   . GLN A 1 68 ? 9.471   -11.188 14.810  1.00 44.62 ? 67  GLN A C   1 
ATOM   544 O  O   . GLN A 1 68 ? 10.193  -11.796 15.600  1.00 47.52 ? 67  GLN A O   1 
ATOM   545 C  CB  . GLN A 1 68 ? 8.187   -12.440 13.073  1.00 35.52 ? 67  GLN A CB  1 
ATOM   546 C  CG  . GLN A 1 68 ? 6.887   -13.084 12.611  1.00 45.88 ? 67  GLN A CG  1 
ATOM   547 C  CD  . GLN A 1 68 ? 6.999   -13.708 11.228  1.00 53.82 ? 67  GLN A CD  1 
ATOM   548 O  OE1 . GLN A 1 68 ? 6.681   -14.889 11.039  1.00 54.02 ? 67  GLN A OE1 1 
ATOM   549 N  NE2 . GLN A 1 68 ? 7.442   -12.915 10.250  1.00 42.35 ? 67  GLN A NE2 1 
ATOM   550 N  N   . ILE A 1 69 ? 9.810   -10.024 14.260  1.00 37.87 ? 68  ILE A N   1 
ATOM   551 C  CA  . ILE A 1 69 ? 11.097  -9.393  14.549  1.00 43.10 ? 68  ILE A CA  1 
ATOM   552 C  C   . ILE A 1 69 ? 11.312  -9.175  16.049  1.00 52.64 ? 68  ILE A C   1 
ATOM   553 O  O   . ILE A 1 69 ? 12.315  -9.614  16.608  1.00 48.58 ? 68  ILE A O   1 
ATOM   554 C  CB  . ILE A 1 69 ? 11.275  -8.065  13.784  1.00 37.78 ? 68  ILE A CB  1 
ATOM   555 C  CG1 . ILE A 1 69 ? 11.788  -8.338  12.364  1.00 43.45 ? 68  ILE A CG1 1 
ATOM   556 C  CG2 . ILE A 1 69 ? 12.238  -7.149  14.516  1.00 45.90 ? 68  ILE A CG2 1 
ATOM   557 C  CD1 . ILE A 1 69 ? 11.755  -7.132  11.452  1.00 41.03 ? 68  ILE A CD1 1 
ATOM   558 N  N   . LYS A 1 70 ? 10.367  -8.524  16.712  1.00 45.73 ? 69  LYS A N   1 
ATOM   559 C  CA  . LYS A 1 70 ? 10.568  -8.212  18.121  1.00 54.30 ? 69  LYS A CA  1 
ATOM   560 C  C   . LYS A 1 70 ? 10.362  -9.415  19.047  1.00 54.72 ? 69  LYS A C   1 
ATOM   561 O  O   . LYS A 1 70 ? 10.728  -9.366  20.223  1.00 53.25 ? 69  LYS A O   1 
ATOM   562 C  CB  . LYS A 1 70 ? 9.715   -7.019  18.544  1.00 48.95 ? 69  LYS A CB  1 
ATOM   563 C  CG  . LYS A 1 70 ? 8.262   -7.134  18.171  1.00 52.56 ? 69  LYS A CG  1 
ATOM   564 C  CD  . LYS A 1 70 ? 7.551   -5.826  18.438  1.00 63.49 ? 69  LYS A CD  1 
ATOM   565 C  CE  . LYS A 1 70 ? 6.055   -5.987  18.298  1.00 65.23 ? 69  LYS A CE  1 
ATOM   566 N  NZ  . LYS A 1 70 ? 5.555   -7.026  19.239  1.00 79.10 ? 69  LYS A NZ  1 
ATOM   567 N  N   . LYS A 1 71 ? 9.707   -10.468 18.549  1.00 47.42 ? 70  LYS A N   1 
ATOM   568 C  CA  . LYS A 1 71 ? 9.572   -11.710 19.304  1.00 46.58 ? 70  LYS A CA  1 
ATOM   569 C  C   . LYS A 1 71 ? 10.941  -12.322 19.414  1.00 54.90 ? 70  LYS A C   1 
ATOM   570 O  O   . LYS A 1 71 ? 11.286  -12.948 20.365  1.00 54.45 ? 70  LYS A O   1 
ATOM   571 C  CB  . LYS A 1 71 ? 8.643   -12.716 18.642  1.00 53.94 ? 70  LYS A CB  1 
ATOM   572 C  CG  . LYS A 1 71 ? 8.410   -13.972 19.445  1.00 55.52 ? 70  LYS A CG  1 
ATOM   573 C  CD  . LYS A 1 71 ? 7.460   -14.968 18.803  1.00 65.82 ? 70  LYS A CD  1 
ATOM   574 C  CE  . LYS A 1 71 ? 8.105   -16.329 18.589  1.00 72.43 ? 70  LYS A CE  1 
ATOM   575 N  NZ  . LYS A 1 71 ? 7.213   -17.290 17.864  1.00 66.07 ? 70  LYS A NZ  1 
ATOM   576 N  N   . GLN A 1 72 ? 11.749  -12.020 18.441  1.00 54.43 ? 71  GLN A N   1 
ATOM   577 C  CA  . GLN A 1 72 ? 13.118  -12.392 18.461  1.00 51.65 ? 71  GLN A CA  1 
ATOM   578 C  C   . GLN A 1 72 ? 13.860  -11.521 19.427  1.00 59.21 ? 71  GLN A C   1 
ATOM   579 O  O   . GLN A 1 72 ? 14.457  -12.025 20.366  1.00 61.04 ? 71  GLN A O   1 
ATOM   580 C  CB  . GLN A 1 72 ? 13.656  -12.144 17.103  1.00 50.24 ? 71  GLN A CB  1 
ATOM   581 C  CG  . GLN A 1 72 ? 13.309  -13.152 16.064  1.00 57.29 ? 71  GLN A CG  1 
ATOM   582 C  CD  . GLN A 1 72 ? 14.430  -13.186 15.062  1.00 75.29 ? 71  GLN A CD  1 
ATOM   583 O  OE1 . GLN A 1 72 ? 15.354  -13.991 15.187  1.00 64.94 ? 71  GLN A OE1 1 
ATOM   584 N  NE2 . GLN A 1 72 ? 14.401  -12.245 14.103  1.00 53.63 ? 71  GLN A NE2 1 
ATOM   585 N  N   . GLU A 1 73 ? 13.874  -10.217 19.179  1.00 54.87 ? 72  GLU A N   1 
ATOM   586 C  CA  . GLU A 1 73 ? 14.490  -9.278  20.132  1.00 64.84 ? 72  GLU A CA  1 
ATOM   587 C  C   . GLU A 1 73 ? 14.140  -9.518  21.624  1.00 66.14 ? 72  GLU A C   1 
ATOM   588 O  O   . GLU A 1 73 ? 13.375  -10.400 22.011  1.00 64.96 ? 72  GLU A O   1 
ATOM   589 C  CB  . GLU A 1 73 ? 14.184  -7.802  19.787  1.00 58.58 ? 72  GLU A CB  1 
ATOM   590 C  CG  . GLU A 1 73 ? 14.506  -7.344  18.373  1.00 64.60 ? 72  GLU A CG  1 
ATOM   591 C  CD  . GLU A 1 73 ? 14.109  -5.886  18.119  1.00 73.59 ? 72  GLU A CD  1 
ATOM   592 O  OE1 . GLU A 1 73 ? 13.034  -5.430  18.554  1.00 64.28 ? 72  GLU A OE1 1 
ATOM   593 O  OE2 . GLU A 1 73 ? 14.885  -5.184  17.471  1.00 70.51 ? 72  GLU A OE2 1 
HETATM 594 MG MG  . MG  B 2 .  ? -14.235 11.731  -20.442 1.00 18.17 ? 101 MG  A MG  1 
HETATM 595 C  C1  . PEG C 3 .  ? -2.323  13.618  -0.263  1.00 26.62 ? 102 PEG A C1  1 
HETATM 596 O  O1  . PEG C 3 .  ? -2.290  12.306  0.236   1.00 37.17 ? 102 PEG A O1  1 
HETATM 597 C  C2  . PEG C 3 .  ? -0.978  14.240  -0.175  1.00 24.66 ? 102 PEG A C2  1 
HETATM 598 O  O2  . PEG C 3 .  ? -1.037  15.607  -0.093  1.00 31.14 ? 102 PEG A O2  1 
HETATM 599 C  C3  . PEG C 3 .  ? -0.489  16.138  1.121   1.00 37.54 ? 102 PEG A C3  1 
HETATM 600 C  C4  . PEG C 3 .  ? -1.548  16.652  2.092   1.00 45.24 ? 102 PEG A C4  1 
HETATM 601 O  O4  . PEG C 3 .  ? -0.996  17.067  3.367   1.00 53.14 ? 102 PEG A O4  1 
HETATM 602 C  C1  . PEG D 3 .  ? -4.105  3.390   0.432   1.00 40.74 ? 103 PEG A C1  1 
HETATM 603 O  O1  . PEG D 3 .  ? -5.065  2.956   1.398   1.00 36.45 ? 103 PEG A O1  1 
HETATM 604 C  C2  . PEG D 3 .  ? -4.760  3.936   -0.830  1.00 34.58 ? 103 PEG A C2  1 
HETATM 605 O  O2  . PEG D 3 .  ? -4.077  5.084   -1.334  1.00 31.91 ? 103 PEG A O2  1 
HETATM 606 C  C3  . PEG D 3 .  ? -4.733  6.315   -1.300  1.00 26.76 ? 103 PEG A C3  1 
HETATM 607 C  C4  . PEG D 3 .  ? -6.127  6.295   -1.920  1.00 29.69 ? 103 PEG A C4  1 
HETATM 608 O  O4  . PEG D 3 .  ? -6.559  7.595   -1.798  1.00 26.73 ? 103 PEG A O4  1 
HETATM 609 O  O   . HOH E 4 .  ? -8.814  2.549   -3.491  1.00 32.44 ? 201 HOH A O   1 
HETATM 610 O  O   . HOH E 4 .  ? 22.043  -7.801  10.320  1.00 50.00 ? 202 HOH A O   1 
HETATM 611 O  O   . HOH E 4 .  ? -10.855 8.620   -3.086  1.00 44.52 ? 203 HOH A O   1 
HETATM 612 O  O   . HOH E 4 .  ? -19.137 -4.106  -7.427  1.00 32.34 ? 204 HOH A O   1 
HETATM 613 O  O   . HOH E 4 .  ? 8.837   -3.669  -2.144  0.33 29.23 ? 205 HOH A O   1 
HETATM 614 O  O   . HOH E 4 .  ? 0.854   -2.552  8.774   1.00 34.77 ? 206 HOH A O   1 
HETATM 615 O  O   . HOH E 4 .  ? -5.510  16.892  -7.431  1.00 11.23 ? 207 HOH A O   1 
HETATM 616 O  O   . HOH E 4 .  ? -4.032  12.097  2.185   1.00 45.61 ? 208 HOH A O   1 
HETATM 617 O  O   . HOH E 4 .  ? -15.989 9.095   -17.062 1.00 20.69 ? 209 HOH A O   1 
HETATM 618 O  O   . HOH E 4 .  ? -6.844  17.725  -4.482  1.00 14.80 ? 210 HOH A O   1 
HETATM 619 O  O   . HOH E 4 .  ? -7.815  3.189   -5.770  1.00 34.99 ? 211 HOH A O   1 
HETATM 620 O  O   . HOH E 4 .  ? -6.984  1.054   1.448   1.00 32.12 ? 212 HOH A O   1 
HETATM 621 O  O   . HOH E 4 .  ? -14.697 7.478   -15.244 1.00 13.29 ? 213 HOH A O   1 
HETATM 622 O  O   . HOH E 4 .  ? -11.291 -4.769  -1.507  1.00 26.65 ? 214 HOH A O   1 
HETATM 623 O  O   . HOH E 4 .  ? -19.556 10.145  -19.022 1.00 16.93 ? 215 HOH A O   1 
HETATM 624 O  O   . HOH E 4 .  ? 2.648   3.277   -8.623  0.33 12.70 ? 216 HOH A O   1 
HETATM 625 O  O   . HOH E 4 .  ? -15.159 14.913  -13.079 1.00 22.17 ? 217 HOH A O   1 
HETATM 626 O  O   . HOH E 4 .  ? 9.825   3.151   6.444   1.00 36.58 ? 218 HOH A O   1 
HETATM 627 O  O   . HOH E 4 .  ? -14.752 4.145   -8.042  1.00 20.94 ? 219 HOH A O   1 
HETATM 628 O  O   . HOH E 4 .  ? -20.457 3.116   -11.067 1.00 37.32 ? 220 HOH A O   1 
HETATM 629 O  O   . HOH E 4 .  ? -18.033 6.174   -8.647  1.00 35.63 ? 221 HOH A O   1 
HETATM 630 O  O   . HOH E 4 .  ? -12.846 -2.725  -0.423  1.00 29.30 ? 222 HOH A O   1 
HETATM 631 O  O   . HOH E 4 .  ? -14.345 3.999   -15.590 1.00 17.88 ? 223 HOH A O   1 
HETATM 632 O  O   . HOH E 4 .  ? -15.271 -0.398  -4.763  1.00 37.22 ? 224 HOH A O   1 
HETATM 633 O  O   . HOH E 4 .  ? -20.067 9.179   -12.182 1.00 33.97 ? 225 HOH A O   1 
HETATM 634 O  O   . HOH E 4 .  ? -7.464  13.841  -0.090  1.00 26.81 ? 226 HOH A O   1 
HETATM 635 O  O   . HOH E 4 .  ? -6.469  -7.761  -5.299  1.00 36.53 ? 227 HOH A O   1 
HETATM 636 O  O   . HOH E 4 .  ? -7.659  10.847  -4.228  1.00 24.86 ? 228 HOH A O   1 
HETATM 637 O  O   . HOH E 4 .  ? -15.623 9.447   -19.488 1.00 25.46 ? 229 HOH A O   1 
HETATM 638 O  O   . HOH E 4 .  ? -6.562  -0.584  4.810   1.00 43.95 ? 230 HOH A O   1 
HETATM 639 O  O   . HOH E 4 .  ? -13.915 17.332  -16.038 1.00 29.51 ? 231 HOH A O   1 
HETATM 640 O  O   . HOH E 4 .  ? -7.521  -1.232  2.344   1.00 32.60 ? 232 HOH A O   1 
HETATM 641 O  O   . HOH E 4 .  ? -12.266 1.915   -15.206 1.00 16.61 ? 233 HOH A O   1 
HETATM 642 O  O   . HOH E 4 .  ? -7.999  12.881  -16.676 1.00 34.00 ? 234 HOH A O   1 
HETATM 643 O  O   . HOH E 4 .  ? -15.854 11.476  -8.803  0.50 10.05 ? 235 HOH A O   1 
HETATM 644 O  O   . HOH E 4 .  ? 5.901   2.750   11.339  1.00 58.44 ? 236 HOH A O   1 
HETATM 645 O  O   . HOH E 4 .  ? -10.027 -5.648  0.760   1.00 29.60 ? 237 HOH A O   1 
HETATM 646 O  O   . HOH E 4 .  ? -18.779 4.562   -6.157  1.00 31.88 ? 238 HOH A O   1 
HETATM 647 O  O   . HOH E 4 .  ? 7.944   4.908   5.342   1.00 28.37 ? 239 HOH A O   1 
HETATM 648 O  O   . HOH E 4 .  ? 9.868   -0.576  10.799  1.00 45.21 ? 240 HOH A O   1 
HETATM 649 O  O   . HOH E 4 .  ? -1.279  8.910   1.303   1.00 42.10 ? 241 HOH A O   1 
HETATM 650 O  O   . HOH E 4 .  ? -19.609 -1.689  -7.573  1.00 30.57 ? 242 HOH A O   1 
HETATM 651 O  O   . HOH E 4 .  ? -8.800  5.094   0.258   1.00 41.82 ? 243 HOH A O   1 
HETATM 652 O  O   . HOH E 4 .  ? -16.523 6.112   -6.302  1.00 32.94 ? 244 HOH A O   1 
HETATM 653 O  O   . HOH E 4 .  ? -3.493  20.096  3.940   1.00 41.14 ? 245 HOH A O   1 
HETATM 654 O  O   . HOH E 4 .  ? -17.973 9.572   -8.819  0.50 25.17 ? 246 HOH A O   1 
HETATM 655 O  O   . HOH E 4 .  ? 1.067   -0.665  7.284   1.00 48.14 ? 247 HOH A O   1 
HETATM 656 O  O   . HOH E 4 .  ? 0.333   3.332   7.441   1.00 50.46 ? 248 HOH A O   1 
HETATM 657 O  O   . HOH E 4 .  ? -12.760 -6.895  -2.554  1.00 24.54 ? 249 HOH A O   1 
HETATM 658 O  O   . HOH E 4 .  ? -21.018 2.523   -6.628  0.33 38.05 ? 250 HOH A O   1 
HETATM 659 O  O   . HOH E 4 .  ? 2.975   8.268   3.748   1.00 48.54 ? 251 HOH A O   1 
HETATM 660 O  O   . HOH E 4 .  ? 22.220  -5.273  15.385  1.00 56.70 ? 252 HOH A O   1 
HETATM 661 O  O   . HOH E 4 .  ? -10.622 -9.142  4.254   0.33 33.75 ? 253 HOH A O   1 
HETATM 662 O  O   . HOH E 4 .  ? -22.684 4.412   -8.381  0.16 29.52 ? 254 HOH A O   1 
HETATM 663 O  O   . HOH E 4 .  ? -15.498 -3.671  -0.849  0.33 21.11 ? 255 HOH A O   1 
HETATM 664 O  O   . HOH E 4 .  ? -6.951  14.049  -18.671 0.33 34.10 ? 256 HOH A O   1 
HETATM 665 O  O   . HOH E 4 .  ? -19.435 0.748   -4.972  0.33 38.35 ? 257 HOH A O   1 
# 
